data_8HAC
#
_entry.id   8HAC
#
_cell.length_a   101.297
_cell.length_b   125.212
_cell.length_c   120.648
_cell.angle_alpha   90.000
_cell.angle_beta   90.000
_cell.angle_gamma   90.000
#
_symmetry.space_group_name_H-M   'C 2 2 21'
#
loop_
_entity.id
_entity.type
_entity.pdbx_description
1 polymer 'ATPase ASNA1 homolog'
2 non-polymer "ADENOSINE-5'-DIPHOSPHATE"
3 non-polymer 'MAGNESIUM ION'
4 water water
#
_entity_poly.entity_id   1
_entity_poly.type   'polypeptide(L)'
_entity_poly.pdbx_seq_one_letter_code
;MDDLDLPDPSLKNIIDQTTLQWVFVGGKGGVGKTTTSCCLGVQLAKSRTKVLLVSTDPAHNLSDAFCQKIGREPTPIHGF
DNLCAMEIDASQEAESEIEATDDNDVFGQMFNDLQNSIPGIDEAMSFSELMKQVQQLDFDVVVFDTAPTGHTLRLLSFPT
ILEKAFAKVWELKDRFGGLIGQATALMSGGNNPAAAQEQLLGKLEETRAVINKVNQAFQDPTKTTFVCVCIPEFLSIYET
ERLVQELSKYGIDSHNIVVNQVLFPEKDAEELSAWYEANGATLPKEAREICSKLLARKRMQDKYIGQCFDLYGDDFHVVL
MPLLDYEVRGVEKLKTFSELLVDPVDMDE
;
_entity_poly.pdbx_strand_id   A,B
#
# COMPACT_ATOMS: atom_id res chain seq x y z
N LEU A 6 -43.46 3.44 5.99
CA LEU A 6 -42.03 3.47 5.73
C LEU A 6 -41.54 4.92 5.60
N PRO A 7 -40.25 5.14 5.82
CA PRO A 7 -39.70 6.50 5.67
C PRO A 7 -39.96 7.05 4.28
N ASP A 8 -40.03 8.38 4.18
CA ASP A 8 -40.28 9.01 2.90
C ASP A 8 -39.16 8.68 1.92
N PRO A 9 -39.47 8.29 0.69
CA PRO A 9 -38.43 7.89 -0.28
C PRO A 9 -37.72 9.09 -0.90
N SER A 10 -37.07 9.88 -0.05
CA SER A 10 -36.33 11.06 -0.49
C SER A 10 -35.19 11.30 0.49
N LEU A 11 -34.31 12.23 0.12
CA LEU A 11 -33.26 12.71 1.00
C LEU A 11 -33.65 14.00 1.72
N LYS A 12 -34.96 14.29 1.83
CA LYS A 12 -35.38 15.51 2.51
C LYS A 12 -35.00 15.49 3.98
N ASN A 13 -34.92 14.30 4.59
CA ASN A 13 -34.51 14.22 5.98
C ASN A 13 -33.10 14.77 6.19
N ILE A 14 -32.26 14.70 5.17
CA ILE A 14 -30.93 15.30 5.26
C ILE A 14 -31.04 16.82 5.35
N ILE A 15 -31.94 17.40 4.54
CA ILE A 15 -32.11 18.85 4.54
C ILE A 15 -32.78 19.31 5.82
N ASP A 16 -33.69 18.49 6.37
CA ASP A 16 -34.43 18.86 7.57
C ASP A 16 -33.54 18.90 8.80
N GLN A 17 -32.61 17.93 8.92
CA GLN A 17 -31.70 17.92 10.05
C GLN A 17 -30.68 19.05 9.94
N THR A 18 -31.03 20.22 10.49
CA THR A 18 -30.23 21.43 10.32
C THR A 18 -28.92 21.38 11.09
N THR A 19 -28.72 20.38 11.94
CA THR A 19 -27.49 20.24 12.70
C THR A 19 -26.38 19.54 11.93
N LEU A 20 -26.67 18.94 10.78
CA LEU A 20 -25.67 18.14 10.08
C LEU A 20 -24.50 19.01 9.65
N GLN A 21 -23.29 18.54 9.98
CA GLN A 21 -22.07 19.24 9.63
C GLN A 21 -21.35 18.58 8.46
N TRP A 22 -21.35 17.24 8.42
CA TRP A 22 -20.69 16.45 7.40
C TRP A 22 -21.64 15.39 6.87
N VAL A 23 -21.83 15.37 5.55
CA VAL A 23 -22.61 14.35 4.87
C VAL A 23 -21.68 13.63 3.91
N PHE A 24 -21.45 12.34 4.15
CA PHE A 24 -20.61 11.52 3.30
C PHE A 24 -21.47 10.72 2.35
N VAL A 25 -21.03 10.63 1.09
CA VAL A 25 -21.74 9.90 0.04
C VAL A 25 -20.84 8.78 -0.45
N GLY A 26 -21.29 7.54 -0.28
CA GLY A 26 -20.46 6.38 -0.58
C GLY A 26 -21.15 5.43 -1.53
N GLY A 27 -20.38 4.45 -1.99
CA GLY A 27 -20.90 3.47 -2.93
C GLY A 27 -19.83 2.99 -3.89
N LYS A 28 -20.21 2.02 -4.71
CA LYS A 28 -19.32 1.41 -5.69
C LYS A 28 -19.01 2.40 -6.81
N GLY A 29 -18.04 2.03 -7.65
CA GLY A 29 -17.67 2.90 -8.75
C GLY A 29 -18.79 2.95 -9.78
N GLY A 30 -19.12 4.16 -10.22
CA GLY A 30 -20.09 4.34 -11.28
C GLY A 30 -21.55 4.28 -10.86
N VAL A 31 -21.85 4.18 -9.56
CA VAL A 31 -23.26 4.10 -9.16
C VAL A 31 -23.92 5.46 -9.04
N GLY A 32 -23.13 6.54 -8.93
CA GLY A 32 -23.73 7.86 -8.86
C GLY A 32 -23.35 8.61 -7.61
N LYS A 33 -22.18 8.32 -7.03
CA LYS A 33 -21.72 9.05 -5.85
C LYS A 33 -21.58 10.53 -6.15
N THR A 34 -20.85 10.86 -7.22
CA THR A 34 -20.58 12.26 -7.53
C THR A 34 -21.88 13.01 -7.86
N THR A 35 -22.75 12.38 -8.65
CA THR A 35 -24.01 13.02 -9.01
C THR A 35 -24.84 13.31 -7.76
N THR A 36 -24.96 12.33 -6.88
CA THR A 36 -25.71 12.50 -5.64
C THR A 36 -25.06 13.57 -4.75
N SER A 37 -23.73 13.61 -4.69
CA SER A 37 -23.06 14.61 -3.86
C SER A 37 -23.33 16.02 -4.37
N CYS A 38 -23.17 16.22 -5.69
CA CYS A 38 -23.44 17.53 -6.27
C CYS A 38 -24.90 17.93 -6.06
N CYS A 39 -25.82 16.99 -6.20
CA CYS A 39 -27.23 17.32 -6.03
C CYS A 39 -27.56 17.65 -4.58
N LEU A 40 -26.97 16.91 -3.63
CA LEU A 40 -27.14 17.23 -2.23
C LEU A 40 -26.58 18.61 -1.90
N GLY A 41 -25.43 18.96 -2.48
CA GLY A 41 -24.88 20.28 -2.26
C GLY A 41 -25.78 21.37 -2.81
N VAL A 42 -26.31 21.16 -4.02
CA VAL A 42 -27.22 22.14 -4.61
C VAL A 42 -28.45 22.33 -3.73
N GLN A 43 -28.99 21.23 -3.20
CA GLN A 43 -30.19 21.33 -2.38
C GLN A 43 -29.89 21.98 -1.03
N LEU A 44 -28.78 21.61 -0.40
CA LEU A 44 -28.40 22.20 0.88
C LEU A 44 -28.10 23.68 0.75
N ALA A 45 -27.60 24.13 -0.42
CA ALA A 45 -27.28 25.55 -0.58
C ALA A 45 -28.50 26.44 -0.41
N LYS A 46 -29.70 25.86 -0.49
CA LYS A 46 -30.93 26.62 -0.28
C LYS A 46 -31.11 26.97 1.19
N SER A 47 -31.10 25.96 2.07
CA SER A 47 -31.38 26.19 3.48
C SER A 47 -30.16 26.66 4.26
N ARG A 48 -28.96 26.20 3.92
CA ARG A 48 -27.76 26.54 4.66
C ARG A 48 -27.05 27.77 4.11
N THR A 49 -26.36 28.47 5.01
CA THR A 49 -25.69 29.72 4.64
C THR A 49 -24.52 29.47 3.68
N LYS A 50 -23.68 28.48 3.98
CA LYS A 50 -22.52 28.17 3.15
C LYS A 50 -22.34 26.67 3.06
N VAL A 51 -22.16 26.15 1.84
CA VAL A 51 -22.08 24.72 1.59
C VAL A 51 -20.80 24.43 0.82
N LEU A 52 -20.08 23.38 1.25
CA LEU A 52 -18.84 22.97 0.60
C LEU A 52 -18.98 21.53 0.10
N LEU A 53 -18.52 21.30 -1.12
CA LEU A 53 -18.42 19.99 -1.72
C LEU A 53 -16.95 19.62 -1.78
N VAL A 54 -16.59 18.49 -1.17
CA VAL A 54 -15.23 17.99 -1.15
C VAL A 54 -15.20 16.65 -1.85
N SER A 55 -14.27 16.49 -2.79
CA SER A 55 -14.14 15.23 -3.52
C SER A 55 -12.82 14.56 -3.16
N THR A 56 -12.92 13.39 -2.53
CA THR A 56 -11.76 12.55 -2.28
C THR A 56 -11.71 11.39 -3.27
N ASP A 57 -12.54 11.46 -4.29
CA ASP A 57 -12.51 10.48 -5.37
C ASP A 57 -11.25 10.72 -6.20
N PRO A 58 -10.42 9.69 -6.41
CA PRO A 58 -9.12 9.92 -7.09
C PRO A 58 -9.19 10.75 -8.35
N ALA A 59 -10.13 10.46 -9.26
CA ALA A 59 -10.24 11.19 -10.50
C ALA A 59 -10.70 12.63 -10.26
N HIS A 60 -10.88 13.38 -11.35
CA HIS A 60 -11.33 14.75 -11.26
C HIS A 60 -12.80 14.84 -11.70
N ASN A 61 -13.61 13.93 -11.18
CA ASN A 61 -15.00 13.80 -11.63
C ASN A 61 -15.86 15.00 -11.28
N LEU A 62 -15.46 15.81 -10.30
CA LEU A 62 -16.26 16.97 -9.92
C LEU A 62 -16.32 17.98 -11.06
N SER A 63 -15.20 18.18 -11.75
CA SER A 63 -15.18 19.12 -12.88
C SER A 63 -16.11 18.64 -14.00
N ASP A 64 -16.03 17.35 -14.35
CA ASP A 64 -16.93 16.81 -15.36
C ASP A 64 -18.38 16.91 -14.93
N ALA A 65 -18.63 16.74 -13.62
CA ALA A 65 -20.00 16.81 -13.11
C ALA A 65 -20.58 18.22 -13.27
N PHE A 66 -19.87 19.22 -12.76
CA PHE A 66 -20.37 20.59 -12.83
C PHE A 66 -20.12 21.28 -14.17
N CYS A 67 -19.48 20.60 -15.11
CA CYS A 67 -19.07 21.20 -16.38
C CYS A 67 -18.35 22.53 -16.16
N GLN A 68 -17.24 22.44 -15.44
CA GLN A 68 -16.44 23.59 -15.01
C GLN A 68 -15.21 23.09 -14.26
N LYS A 69 -14.05 23.70 -14.51
CA LYS A 69 -12.86 23.31 -13.78
C LYS A 69 -13.06 23.66 -12.32
N ILE A 70 -12.80 22.71 -11.44
CA ILE A 70 -12.95 22.87 -10.00
C ILE A 70 -11.56 22.86 -9.40
N GLY A 71 -11.31 23.79 -8.48
CA GLY A 71 -9.98 23.97 -7.97
C GLY A 71 -9.68 23.15 -6.72
N ARG A 72 -8.39 23.14 -6.39
CA ARG A 72 -7.86 22.43 -5.23
C ARG A 72 -8.32 23.03 -3.91
N GLU A 73 -8.75 24.27 -3.91
CA GLU A 73 -9.38 24.98 -2.80
C GLU A 73 -10.75 25.48 -3.22
N PRO A 74 -11.63 25.86 -2.25
CA PRO A 74 -13.03 26.14 -2.57
C PRO A 74 -13.26 27.03 -3.78
N THR A 75 -13.72 26.43 -4.86
CA THR A 75 -14.08 27.16 -6.07
C THR A 75 -15.58 27.40 -6.08
N PRO A 76 -16.05 28.64 -6.05
CA PRO A 76 -17.49 28.88 -6.18
C PRO A 76 -18.01 28.32 -7.50
N ILE A 77 -19.26 27.87 -7.47
CA ILE A 77 -19.89 27.21 -8.61
C ILE A 77 -20.67 28.24 -9.39
N HIS A 78 -20.50 28.24 -10.71
CA HIS A 78 -21.19 29.20 -11.57
C HIS A 78 -22.71 29.04 -11.43
N GLY A 79 -23.39 30.11 -11.03
CA GLY A 79 -24.80 30.09 -10.78
C GLY A 79 -25.20 30.03 -9.33
N PHE A 80 -24.24 29.98 -8.41
CA PHE A 80 -24.54 29.88 -6.98
C PHE A 80 -23.75 30.92 -6.21
N ASP A 81 -24.36 31.40 -5.12
CA ASP A 81 -23.75 32.39 -4.25
C ASP A 81 -23.06 31.77 -3.04
N ASN A 82 -23.45 30.56 -2.63
CA ASN A 82 -22.96 30.00 -1.38
C ASN A 82 -22.56 28.54 -1.49
N LEU A 83 -22.18 28.08 -2.69
CA LEU A 83 -21.80 26.69 -2.92
C LEU A 83 -20.41 26.65 -3.53
N CYS A 84 -19.46 26.09 -2.79
CA CYS A 84 -18.09 25.96 -3.28
C CYS A 84 -17.72 24.49 -3.37
N ALA A 85 -16.81 24.17 -4.27
CA ALA A 85 -16.34 22.79 -4.44
C ALA A 85 -14.81 22.74 -4.46
N MET A 86 -14.27 21.56 -4.18
CA MET A 86 -12.83 21.39 -4.13
C MET A 86 -12.46 19.92 -4.33
N GLU A 87 -11.53 19.69 -5.23
CA GLU A 87 -10.99 18.39 -5.59
C GLU A 87 -9.59 18.26 -5.01
N ILE A 88 -9.22 17.05 -4.59
CA ILE A 88 -7.99 16.84 -3.82
C ILE A 88 -7.17 15.73 -4.46
N ASP A 89 -5.85 15.91 -4.43
CA ASP A 89 -4.90 14.96 -4.97
C ASP A 89 -4.49 13.93 -3.92
N ASN A 104 22.47 10.31 6.25
CA ASN A 104 21.44 11.10 5.58
C ASN A 104 20.27 11.49 6.50
N ASP A 105 19.06 11.55 5.95
CA ASP A 105 17.89 12.04 6.68
C ASP A 105 17.38 10.96 7.64
N VAL A 106 17.58 11.17 8.94
CA VAL A 106 17.12 10.16 9.90
C VAL A 106 15.61 10.19 10.03
N PHE A 107 15.01 11.38 10.11
CA PHE A 107 13.56 11.46 10.23
C PHE A 107 12.88 10.89 9.00
N GLY A 108 13.37 11.26 7.82
CA GLY A 108 12.80 10.72 6.59
C GLY A 108 12.91 9.21 6.53
N GLN A 109 14.04 8.67 6.97
CA GLN A 109 14.22 7.22 6.97
C GLN A 109 13.26 6.55 7.94
N MET A 110 13.10 7.12 9.14
CA MET A 110 12.20 6.50 10.12
C MET A 110 10.75 6.58 9.67
N PHE A 111 10.36 7.69 9.03
CA PHE A 111 9.00 7.81 8.50
C PHE A 111 8.78 6.82 7.36
N ASN A 112 9.78 6.65 6.50
CA ASN A 112 9.70 5.64 5.44
C ASN A 112 9.58 4.24 6.03
N ASP A 113 10.35 3.93 7.07
CA ASP A 113 10.23 2.64 7.75
C ASP A 113 8.82 2.45 8.30
N LEU A 114 8.24 3.52 8.87
CA LEU A 114 6.89 3.41 9.40
C LEU A 114 5.89 3.18 8.28
N GLN A 115 6.05 3.89 7.15
CA GLN A 115 5.16 3.69 6.00
C GLN A 115 5.24 2.26 5.48
N ASN A 116 6.45 1.69 5.46
CA ASN A 116 6.58 0.30 5.02
C ASN A 116 6.00 -0.67 6.04
N SER A 117 6.11 -0.36 7.33
CA SER A 117 5.63 -1.24 8.38
C SER A 117 4.12 -1.17 8.55
N ILE A 118 3.55 0.03 8.50
CA ILE A 118 2.13 0.24 8.74
C ILE A 118 1.50 0.83 7.47
N PRO A 119 1.13 0.00 6.49
CA PRO A 119 0.51 0.52 5.27
C PRO A 119 -0.79 1.26 5.60
N GLY A 120 -0.92 2.46 5.05
CA GLY A 120 -2.08 3.30 5.30
C GLY A 120 -1.81 4.49 6.18
N ILE A 121 -0.63 4.59 6.80
CA ILE A 121 -0.35 5.71 7.69
C ILE A 121 -0.27 7.01 6.91
N ASP A 122 0.25 6.96 5.68
CA ASP A 122 0.32 8.17 4.87
C ASP A 122 -1.07 8.63 4.44
N GLU A 123 -1.96 7.68 4.11
CA GLU A 123 -3.35 8.06 3.83
C GLU A 123 -4.01 8.68 5.04
N ALA A 124 -3.76 8.13 6.24
CA ALA A 124 -4.35 8.69 7.45
C ALA A 124 -3.87 10.11 7.67
N MET A 125 -2.58 10.37 7.42
CA MET A 125 -2.06 11.73 7.62
C MET A 125 -2.59 12.70 6.57
N SER A 126 -2.71 12.25 5.32
CA SER A 126 -3.31 13.10 4.30
C SER A 126 -4.76 13.45 4.66
N PHE A 127 -5.52 12.47 5.15
CA PHE A 127 -6.89 12.73 5.55
C PHE A 127 -6.94 13.66 6.75
N SER A 128 -5.98 13.52 7.68
CA SER A 128 -5.91 14.41 8.82
C SER A 128 -5.70 15.86 8.39
N GLU A 129 -4.74 16.10 7.50
CA GLU A 129 -4.53 17.46 7.00
C GLU A 129 -5.76 17.98 6.25
N LEU A 130 -6.39 17.13 5.44
CA LEU A 130 -7.58 17.56 4.72
C LEU A 130 -8.68 17.99 5.69
N MET A 131 -8.90 17.20 6.75
CA MET A 131 -9.96 17.52 7.69
C MET A 131 -9.65 18.79 8.45
N LYS A 132 -8.37 19.02 8.79
CA LYS A 132 -8.01 20.26 9.47
C LYS A 132 -8.29 21.48 8.58
N GLN A 133 -7.90 21.40 7.31
CA GLN A 133 -8.15 22.51 6.39
C GLN A 133 -9.65 22.75 6.20
N VAL A 134 -10.44 21.68 6.12
CA VAL A 134 -11.88 21.83 5.95
C VAL A 134 -12.49 22.46 7.19
N GLN A 135 -12.10 21.97 8.37
CA GLN A 135 -12.64 22.52 9.59
C GLN A 135 -12.21 23.96 9.81
N GLN A 136 -11.13 24.39 9.20
CA GLN A 136 -10.81 25.79 9.35
C GLN A 136 -11.39 26.67 8.23
N LEU A 137 -11.83 26.08 7.13
CA LEU A 137 -12.55 26.86 6.12
C LEU A 137 -13.88 27.37 6.66
N ASP A 138 -14.40 26.75 7.72
CA ASP A 138 -15.61 27.17 8.41
C ASP A 138 -16.79 27.25 7.45
N PHE A 139 -17.40 26.10 7.19
CA PHE A 139 -18.61 26.00 6.41
C PHE A 139 -19.71 25.42 7.29
N ASP A 140 -20.95 25.64 6.88
CA ASP A 140 -22.07 25.13 7.67
C ASP A 140 -22.26 23.63 7.44
N VAL A 141 -22.03 23.17 6.22
CA VAL A 141 -22.17 21.76 5.90
C VAL A 141 -21.23 21.42 4.74
N VAL A 142 -20.60 20.25 4.84
CA VAL A 142 -19.68 19.74 3.84
C VAL A 142 -20.23 18.39 3.36
N VAL A 143 -20.27 18.22 2.04
CA VAL A 143 -20.67 16.97 1.42
C VAL A 143 -19.42 16.33 0.82
N PHE A 144 -19.11 15.12 1.27
CA PHE A 144 -17.91 14.40 0.86
C PHE A 144 -18.30 13.36 -0.18
N ASP A 145 -17.80 13.54 -1.41
CA ASP A 145 -17.88 12.54 -2.47
C ASP A 145 -16.68 11.62 -2.30
N THR A 146 -16.89 10.51 -1.59
CA THR A 146 -15.79 9.62 -1.27
C THR A 146 -15.37 8.79 -2.48
N ALA A 147 -14.22 8.13 -2.33
CA ALA A 147 -13.75 7.16 -3.29
C ALA A 147 -14.58 5.88 -3.18
N PRO A 148 -14.47 4.96 -4.15
CA PRO A 148 -15.21 3.69 -4.07
C PRO A 148 -15.03 2.98 -2.73
N THR A 149 -16.04 2.16 -2.40
CA THR A 149 -16.27 1.58 -1.08
C THR A 149 -15.00 1.05 -0.41
N GLY A 150 -14.18 0.32 -1.18
CA GLY A 150 -12.99 -0.31 -0.63
C GLY A 150 -12.07 0.66 0.09
N HIS A 151 -11.89 1.86 -0.49
CA HIS A 151 -11.03 2.86 0.12
C HIS A 151 -11.71 3.58 1.29
N THR A 152 -13.02 3.82 1.17
CA THR A 152 -13.73 4.48 2.26
C THR A 152 -13.76 3.62 3.52
N LEU A 153 -13.80 2.29 3.36
CA LEU A 153 -13.72 1.42 4.53
C LEU A 153 -12.38 1.61 5.26
N ARG A 154 -11.29 1.76 4.50
CA ARG A 154 -10.00 2.01 5.13
C ARG A 154 -9.99 3.36 5.83
N LEU A 155 -10.62 4.37 5.20
CA LEU A 155 -10.82 5.64 5.87
C LEU A 155 -11.42 5.42 7.25
N LEU A 156 -12.43 4.54 7.33
CA LEU A 156 -13.03 4.26 8.63
C LEU A 156 -12.03 3.61 9.57
N SER A 157 -11.08 2.85 9.04
CA SER A 157 -10.08 2.21 9.90
C SER A 157 -8.90 3.11 10.29
N PHE A 158 -8.80 4.33 9.75
CA PHE A 158 -7.68 5.22 10.04
C PHE A 158 -7.27 5.35 11.51
N PRO A 159 -8.19 5.54 12.48
CA PRO A 159 -7.74 5.64 13.89
C PRO A 159 -7.00 4.42 14.40
N THR A 160 -7.43 3.22 13.99
CA THR A 160 -6.71 2.00 14.34
C THR A 160 -5.31 2.01 13.75
N ILE A 161 -5.18 2.46 12.49
CA ILE A 161 -3.87 2.55 11.84
C ILE A 161 -2.95 3.49 12.61
N LEU A 162 -3.49 4.62 13.08
CA LEU A 162 -2.67 5.54 13.85
C LEU A 162 -2.20 4.92 15.17
N GLU A 163 -3.10 4.21 15.86
CA GLU A 163 -2.68 3.55 17.09
C GLU A 163 -1.59 2.52 16.82
N LYS A 164 -1.72 1.78 15.71
CA LYS A 164 -0.70 0.79 15.37
C LYS A 164 0.63 1.44 15.02
N ALA A 165 0.60 2.60 14.36
CA ALA A 165 1.83 3.31 14.04
C ALA A 165 2.53 3.81 15.31
N PHE A 166 1.75 4.37 16.24
CA PHE A 166 2.29 4.76 17.54
C PHE A 166 2.93 3.57 18.24
N ALA A 167 2.23 2.42 18.26
CA ALA A 167 2.77 1.23 18.91
C ALA A 167 4.05 0.75 18.24
N LYS A 168 4.12 0.83 16.90
CA LYS A 168 5.34 0.45 16.19
C LYS A 168 6.51 1.35 16.52
N VAL A 169 6.29 2.67 16.53
CA VAL A 169 7.40 3.58 16.82
C VAL A 169 7.90 3.36 18.25
N TRP A 170 6.98 3.11 19.18
CA TRP A 170 7.39 2.81 20.56
C TRP A 170 8.13 1.49 20.66
N GLU A 171 7.69 0.45 19.94
CA GLU A 171 8.42 -0.80 19.93
C GLU A 171 9.83 -0.63 19.38
N LEU A 172 9.97 0.14 18.31
CA LEU A 172 11.31 0.41 17.75
C LEU A 172 12.15 1.20 18.73
N LYS A 173 11.55 2.20 19.38
CA LYS A 173 12.25 2.98 20.40
C LYS A 173 12.77 2.07 21.51
N ASP A 174 11.89 1.19 22.02
CA ASP A 174 12.29 0.24 23.05
C ASP A 174 13.44 -0.64 22.57
N ARG A 175 13.32 -1.22 21.36
CA ARG A 175 14.29 -2.24 21.01
C ARG A 175 15.63 -1.67 20.55
N PHE A 176 15.65 -0.46 19.97
CA PHE A 176 16.90 0.09 19.44
C PHE A 176 17.30 1.38 20.13
N GLY A 177 16.80 1.62 21.36
CA GLY A 177 17.24 2.80 22.10
C GLY A 177 18.73 2.84 22.31
N GLY A 178 19.35 1.70 22.58
CA GLY A 178 20.80 1.65 22.77
C GLY A 178 21.55 2.17 21.58
N LEU A 179 21.26 1.59 20.40
CA LEU A 179 21.89 2.01 19.16
C LEU A 179 21.60 3.48 18.86
N ILE A 180 20.36 3.91 19.07
CA ILE A 180 19.97 5.27 18.73
C ILE A 180 20.70 6.27 19.62
N GLY A 181 20.76 6.02 20.93
CA GLY A 181 21.47 6.92 21.82
C GLY A 181 22.97 6.91 21.58
N GLN A 182 23.55 5.74 21.31
CA GLN A 182 24.98 5.69 21.04
C GLN A 182 25.30 6.46 19.77
N ALA A 183 24.40 6.48 18.79
CA ALA A 183 24.66 7.30 17.61
C ALA A 183 24.40 8.77 17.88
N THR A 184 23.43 9.09 18.75
CA THR A 184 23.18 10.47 19.12
C THR A 184 24.43 11.06 19.77
N ALA A 185 25.12 10.26 20.58
CA ALA A 185 26.36 10.72 21.20
C ALA A 185 27.41 11.05 20.14
N LEU A 186 27.42 10.33 19.03
CA LEU A 186 28.45 10.54 18.01
C LEU A 186 28.14 11.78 17.17
N MET A 187 27.07 11.73 16.38
CA MET A 187 26.73 12.86 15.53
C MET A 187 26.19 14.00 16.39
N SER A 188 26.85 15.16 16.32
CA SER A 188 26.52 16.31 17.14
C SER A 188 25.65 17.29 16.35
N GLY A 189 25.16 18.31 17.07
CA GLY A 189 24.29 19.28 16.42
C GLY A 189 22.97 18.63 16.06
N GLY A 190 22.52 18.89 14.84
CA GLY A 190 21.27 18.34 14.38
C GLY A 190 21.44 16.91 13.94
N ASN A 191 20.45 16.41 13.19
CA ASN A 191 20.42 15.04 12.70
C ASN A 191 20.48 14.04 13.86
N ASN A 192 20.09 14.48 15.05
CA ASN A 192 19.98 13.63 16.23
C ASN A 192 18.94 12.53 15.99
N PRO A 193 19.34 11.25 15.98
CA PRO A 193 18.35 10.18 15.74
C PRO A 193 17.28 10.08 16.82
N ALA A 194 17.66 10.25 18.09
CA ALA A 194 16.66 10.22 19.16
C ALA A 194 15.68 11.38 19.02
N ALA A 195 16.19 12.56 18.67
CA ALA A 195 15.31 13.68 18.40
C ALA A 195 14.43 13.41 17.19
N ALA A 196 14.96 12.72 16.18
CA ALA A 196 14.15 12.38 15.01
C ALA A 196 13.03 11.43 15.38
N GLN A 197 13.30 10.50 16.30
CA GLN A 197 12.26 9.60 16.77
C GLN A 197 11.19 10.35 17.58
N GLU A 198 11.63 11.26 18.45
CA GLU A 198 10.67 12.08 19.20
C GLU A 198 9.84 12.94 18.24
N GLN A 199 10.47 13.42 17.17
CA GLN A 199 9.78 14.22 16.16
C GLN A 199 8.73 13.40 15.43
N LEU A 200 9.04 12.14 15.11
CA LEU A 200 8.05 11.26 14.48
C LEU A 200 6.88 10.99 15.43
N LEU A 201 7.19 10.76 16.71
CA LEU A 201 6.12 10.61 17.70
C LEU A 201 5.24 11.86 17.77
N GLY A 202 5.84 13.04 17.72
CA GLY A 202 5.06 14.27 17.76
C GLY A 202 4.21 14.48 16.53
N LYS A 203 4.72 14.09 15.36
CA LYS A 203 3.92 14.17 14.14
C LYS A 203 2.74 13.20 14.19
N LEU A 204 2.98 11.98 14.68
CA LEU A 204 1.88 11.05 14.91
C LEU A 204 0.86 11.64 15.88
N GLU A 205 1.33 12.32 16.93
CA GLU A 205 0.41 12.89 17.91
C GLU A 205 -0.45 14.00 17.31
N GLU A 206 0.16 14.89 16.53
CA GLU A 206 -0.62 15.89 15.80
C GLU A 206 -1.72 15.25 14.95
N THR A 207 -1.31 14.26 14.13
CA THR A 207 -2.27 13.57 13.28
C THR A 207 -3.39 12.94 14.09
N ARG A 208 -3.02 12.26 15.18
CA ARG A 208 -3.98 11.55 16.01
C ARG A 208 -4.94 12.51 16.69
N ALA A 209 -4.46 13.69 17.10
CA ALA A 209 -5.37 14.65 17.72
C ALA A 209 -6.42 15.11 16.72
N VAL A 210 -5.98 15.47 15.51
CA VAL A 210 -6.94 15.87 14.48
C VAL A 210 -7.94 14.76 14.23
N ILE A 211 -7.46 13.54 14.06
CA ILE A 211 -8.35 12.44 13.69
C ILE A 211 -9.24 12.01 14.86
N ASN A 212 -8.79 12.20 16.10
CA ASN A 212 -9.65 11.93 17.25
C ASN A 212 -10.81 12.92 17.30
N LYS A 213 -10.53 14.20 17.09
CA LYS A 213 -11.62 15.18 16.99
C LYS A 213 -12.58 14.80 15.87
N VAL A 214 -12.03 14.47 14.70
CA VAL A 214 -12.84 14.15 13.53
C VAL A 214 -13.70 12.92 13.78
N ASN A 215 -13.14 11.89 14.44
CA ASN A 215 -13.90 10.67 14.67
C ASN A 215 -14.95 10.86 15.76
N GLN A 216 -14.67 11.71 16.75
CA GLN A 216 -15.70 12.05 17.72
C GLN A 216 -16.86 12.75 17.03
N ALA A 217 -16.57 13.62 16.06
CA ALA A 217 -17.65 14.22 15.30
C ALA A 217 -18.35 13.19 14.39
N PHE A 218 -17.62 12.17 13.93
CA PHE A 218 -18.22 11.20 13.02
C PHE A 218 -19.23 10.31 13.72
N GLN A 219 -19.04 10.04 15.01
CA GLN A 219 -19.89 9.15 15.77
C GLN A 219 -21.11 9.87 16.37
N ASP A 220 -21.29 11.15 16.07
CA ASP A 220 -22.39 11.96 16.56
C ASP A 220 -23.43 12.10 15.46
N PRO A 221 -24.56 11.38 15.51
CA PRO A 221 -25.57 11.49 14.45
C PRO A 221 -26.11 12.89 14.27
N THR A 222 -25.93 13.75 15.26
CA THR A 222 -26.30 15.16 15.13
C THR A 222 -25.49 15.84 14.03
N LYS A 223 -24.23 15.45 13.85
CA LYS A 223 -23.30 16.15 12.98
C LYS A 223 -22.95 15.38 11.71
N THR A 224 -23.02 14.05 11.72
CA THR A 224 -22.49 13.27 10.61
C THR A 224 -23.46 12.17 10.23
N THR A 225 -23.68 12.01 8.93
CA THR A 225 -24.44 10.88 8.43
C THR A 225 -23.88 10.47 7.07
N PHE A 226 -24.17 9.23 6.69
CA PHE A 226 -23.66 8.64 5.47
C PHE A 226 -24.82 8.33 4.54
N VAL A 227 -24.70 8.74 3.28
CA VAL A 227 -25.65 8.36 2.24
C VAL A 227 -24.98 7.30 1.37
N CYS A 228 -25.61 6.13 1.27
CA CYS A 228 -25.08 5.01 0.51
C CYS A 228 -25.78 4.92 -0.84
N VAL A 229 -25.00 4.98 -1.92
CA VAL A 229 -25.55 4.94 -3.28
C VAL A 229 -25.30 3.56 -3.88
N CYS A 230 -26.30 3.04 -4.59
CA CYS A 230 -26.13 1.78 -5.30
C CYS A 230 -27.00 1.81 -6.55
N ILE A 231 -26.95 0.70 -7.30
CA ILE A 231 -27.81 0.49 -8.45
C ILE A 231 -28.42 -0.92 -8.31
N PRO A 232 -29.53 -1.18 -9.01
CA PRO A 232 -30.19 -2.48 -8.84
C PRO A 232 -29.39 -3.63 -9.42
N GLU A 233 -28.21 -3.89 -8.86
CA GLU A 233 -27.38 -5.01 -9.28
C GLU A 233 -26.75 -5.65 -8.05
N PHE A 234 -26.35 -6.92 -8.18
CA PHE A 234 -25.90 -7.66 -7.01
C PHE A 234 -24.66 -7.04 -6.37
N LEU A 235 -23.63 -6.77 -7.18
CA LEU A 235 -22.36 -6.29 -6.62
C LEU A 235 -22.54 -4.96 -5.90
N SER A 236 -23.33 -4.06 -6.48
CA SER A 236 -23.56 -2.76 -5.86
C SER A 236 -24.23 -2.91 -4.49
N ILE A 237 -25.24 -3.77 -4.41
CA ILE A 237 -25.95 -3.98 -3.16
C ILE A 237 -25.05 -4.68 -2.14
N TYR A 238 -24.18 -5.56 -2.62
CA TYR A 238 -23.24 -6.25 -1.74
C TYR A 238 -22.26 -5.26 -1.12
N GLU A 239 -21.71 -4.36 -1.94
CA GLU A 239 -20.81 -3.34 -1.39
C GLU A 239 -21.55 -2.37 -0.49
N THR A 240 -22.81 -2.06 -0.81
CA THR A 240 -23.62 -1.23 0.07
C THR A 240 -23.80 -1.88 1.43
N GLU A 241 -24.04 -3.20 1.46
CA GLU A 241 -24.19 -3.91 2.72
C GLU A 241 -22.89 -3.93 3.51
N ARG A 242 -21.76 -4.16 2.83
CA ARG A 242 -20.45 -4.03 3.47
C ARG A 242 -20.28 -2.66 4.11
N LEU A 243 -20.60 -1.60 3.36
CA LEU A 243 -20.40 -0.25 3.86
C LEU A 243 -21.32 0.02 5.05
N VAL A 244 -22.58 -0.40 4.96
CA VAL A 244 -23.55 -0.15 6.04
C VAL A 244 -23.10 -0.84 7.33
N GLN A 245 -22.68 -2.11 7.21
CA GLN A 245 -22.23 -2.83 8.40
C GLN A 245 -20.95 -2.21 8.98
N GLU A 246 -20.04 -1.75 8.12
CA GLU A 246 -18.82 -1.12 8.62
C GLU A 246 -19.13 0.19 9.35
N LEU A 247 -20.03 1.00 8.80
CA LEU A 247 -20.45 2.21 9.49
C LEU A 247 -21.10 1.89 10.83
N SER A 248 -21.88 0.80 10.88
CA SER A 248 -22.50 0.42 12.14
C SER A 248 -21.45 0.00 13.17
N LYS A 249 -20.45 -0.75 12.74
CA LYS A 249 -19.39 -1.15 13.66
C LYS A 249 -18.71 0.07 14.29
N TYR A 250 -18.46 1.10 13.50
CA TYR A 250 -17.74 2.28 13.95
C TYR A 250 -18.65 3.38 14.46
N GLY A 251 -19.91 3.05 14.76
CA GLY A 251 -20.80 4.03 15.36
C GLY A 251 -21.10 5.23 14.48
N ILE A 252 -21.06 5.06 13.17
CA ILE A 252 -21.34 6.13 12.23
C ILE A 252 -22.71 5.88 11.62
N ASP A 253 -23.52 6.93 11.59
CA ASP A 253 -24.93 6.79 11.22
C ASP A 253 -25.13 6.78 9.71
N SER A 254 -25.99 5.87 9.25
CA SER A 254 -26.53 5.93 7.91
C SER A 254 -28.00 5.58 7.96
N HIS A 255 -28.83 6.41 7.33
CA HIS A 255 -30.25 6.11 7.23
C HIS A 255 -30.81 6.55 5.87
N ASN A 256 -29.97 6.51 4.83
CA ASN A 256 -30.36 6.92 3.49
C ASN A 256 -29.67 6.02 2.47
N ILE A 257 -30.47 5.30 1.69
CA ILE A 257 -30.01 4.50 0.56
C ILE A 257 -30.54 5.14 -0.72
N VAL A 258 -29.65 5.41 -1.67
CA VAL A 258 -30.03 5.93 -2.98
C VAL A 258 -29.78 4.83 -4.01
N VAL A 259 -30.86 4.25 -4.53
CA VAL A 259 -30.79 3.29 -5.62
C VAL A 259 -30.89 4.06 -6.92
N ASN A 260 -29.78 4.21 -7.62
CA ASN A 260 -29.68 5.05 -8.79
C ASN A 260 -29.90 4.23 -10.06
N GLN A 261 -30.18 4.95 -11.16
CA GLN A 261 -30.27 4.36 -12.49
C GLN A 261 -31.31 3.25 -12.55
N VAL A 262 -32.46 3.49 -11.91
CA VAL A 262 -33.55 2.52 -11.92
C VAL A 262 -34.30 2.63 -13.23
N LEU A 263 -34.49 1.50 -13.89
CA LEU A 263 -35.19 1.44 -15.17
C LEU A 263 -36.69 1.65 -14.93
N PHE A 264 -37.20 2.82 -15.31
CA PHE A 264 -38.58 3.27 -15.07
C PHE A 264 -39.07 2.85 -13.69
N PRO A 265 -38.71 3.61 -12.64
CA PRO A 265 -39.07 3.18 -11.28
C PRO A 265 -40.55 3.17 -10.99
N GLU A 266 -41.38 3.85 -11.79
CA GLU A 266 -42.81 3.93 -11.51
C GLU A 266 -43.47 2.56 -11.70
N LYS A 267 -43.39 2.05 -12.93
CA LYS A 267 -44.05 0.82 -13.34
C LYS A 267 -43.35 -0.40 -12.77
N ASP A 268 -44.10 -1.48 -12.66
CA ASP A 268 -43.58 -2.77 -12.25
C ASP A 268 -43.44 -3.63 -13.49
N ALA A 269 -42.44 -4.53 -13.47
CA ALA A 269 -42.19 -5.41 -14.62
C ALA A 269 -43.38 -6.27 -14.98
N GLU A 270 -44.29 -6.51 -14.02
CA GLU A 270 -45.45 -7.37 -14.26
C GLU A 270 -46.28 -6.89 -15.45
N GLU A 271 -46.57 -5.58 -15.49
CA GLU A 271 -47.42 -5.04 -16.55
C GLU A 271 -46.78 -5.24 -17.93
N LEU A 272 -45.51 -4.86 -18.07
CA LEU A 272 -44.87 -4.95 -19.37
C LEU A 272 -44.58 -6.38 -19.75
N SER A 273 -44.40 -7.26 -18.76
CA SER A 273 -44.25 -8.68 -19.04
C SER A 273 -45.53 -9.26 -19.61
N ALA A 274 -46.68 -8.93 -19.01
CA ALA A 274 -47.95 -9.37 -19.56
C ALA A 274 -48.14 -8.85 -20.97
N TRP A 275 -47.85 -7.54 -21.18
CA TRP A 275 -48.01 -6.96 -22.51
C TRP A 275 -47.12 -7.64 -23.54
N TYR A 276 -45.85 -7.89 -23.20
CA TYR A 276 -44.93 -8.46 -24.17
C TYR A 276 -45.30 -9.91 -24.48
N GLU A 277 -45.60 -10.70 -23.45
CA GLU A 277 -45.99 -12.08 -23.69
C GLU A 277 -47.28 -12.17 -24.50
N ALA A 278 -48.13 -11.13 -24.43
CA ALA A 278 -49.33 -11.16 -25.26
C ALA A 278 -49.06 -10.70 -26.69
N ASN A 279 -48.22 -9.66 -26.85
CA ASN A 279 -48.16 -8.90 -28.10
C ASN A 279 -46.77 -8.82 -28.70
N GLY A 280 -45.85 -9.71 -28.31
CA GLY A 280 -44.48 -9.61 -28.80
C GLY A 280 -44.36 -9.84 -30.30
N ALA A 281 -44.90 -10.97 -30.79
CA ALA A 281 -44.72 -11.37 -32.18
C ALA A 281 -45.40 -10.43 -33.18
N THR A 282 -46.23 -9.49 -32.72
CA THR A 282 -46.85 -8.51 -33.61
C THR A 282 -45.98 -7.29 -33.84
N LEU A 283 -44.82 -7.22 -33.21
CA LEU A 283 -43.92 -6.08 -33.35
C LEU A 283 -42.88 -6.35 -34.44
N PRO A 284 -42.48 -5.29 -35.14
CA PRO A 284 -41.28 -5.38 -35.99
C PRO A 284 -40.08 -5.85 -35.19
N LYS A 285 -39.10 -6.41 -35.92
CA LYS A 285 -37.95 -7.05 -35.29
C LYS A 285 -37.23 -6.13 -34.30
N GLU A 286 -37.01 -4.87 -34.69
CA GLU A 286 -36.22 -3.97 -33.85
C GLU A 286 -36.96 -3.62 -32.56
N ALA A 287 -38.24 -3.24 -32.68
CA ALA A 287 -39.05 -2.96 -31.49
C ALA A 287 -39.16 -4.18 -30.61
N ARG A 288 -39.35 -5.35 -31.20
CA ARG A 288 -39.44 -6.58 -30.44
C ARG A 288 -38.16 -6.81 -29.63
N GLU A 289 -37.01 -6.65 -30.28
CA GLU A 289 -35.74 -6.92 -29.61
C GLU A 289 -35.49 -5.93 -28.47
N ILE A 290 -35.73 -4.63 -28.72
CA ILE A 290 -35.48 -3.65 -27.66
C ILE A 290 -36.46 -3.86 -26.50
N CYS A 291 -37.71 -4.20 -26.79
CA CYS A 291 -38.68 -4.45 -25.72
C CYS A 291 -38.29 -5.66 -24.90
N SER A 292 -37.81 -6.72 -25.55
CA SER A 292 -37.39 -7.90 -24.78
C SER A 292 -36.18 -7.58 -23.90
N LYS A 293 -35.22 -6.84 -24.44
CA LYS A 293 -34.05 -6.46 -23.64
C LYS A 293 -34.45 -5.62 -22.44
N LEU A 294 -35.33 -4.63 -22.66
CA LEU A 294 -35.79 -3.76 -21.58
C LEU A 294 -36.54 -4.56 -20.52
N LEU A 295 -37.38 -5.51 -20.95
CA LEU A 295 -38.12 -6.33 -20.00
C LEU A 295 -37.17 -7.19 -19.15
N ALA A 296 -36.17 -7.81 -19.79
CA ALA A 296 -35.25 -8.65 -19.03
C ALA A 296 -34.47 -7.83 -17.99
N ARG A 297 -33.97 -6.65 -18.40
CA ARG A 297 -33.29 -5.79 -17.45
C ARG A 297 -34.21 -5.36 -16.32
N LYS A 298 -35.48 -5.03 -16.65
CA LYS A 298 -36.40 -4.58 -15.63
C LYS A 298 -36.69 -5.68 -14.62
N ARG A 299 -36.88 -6.92 -15.10
CA ARG A 299 -37.10 -8.05 -14.19
C ARG A 299 -35.93 -8.22 -13.23
N MET A 300 -34.70 -8.18 -13.76
CA MET A 300 -33.51 -8.30 -12.91
C MET A 300 -33.43 -7.17 -11.89
N GLN A 301 -33.60 -5.93 -12.35
CA GLN A 301 -33.56 -4.78 -11.47
C GLN A 301 -34.61 -4.89 -10.37
N ASP A 302 -35.79 -5.41 -10.70
CA ASP A 302 -36.84 -5.54 -9.70
C ASP A 302 -36.47 -6.57 -8.64
N LYS A 303 -35.86 -7.68 -9.03
CA LYS A 303 -35.33 -8.59 -8.03
C LYS A 303 -34.39 -7.87 -7.08
N TYR A 304 -33.45 -7.09 -7.62
CA TYR A 304 -32.48 -6.47 -6.73
C TYR A 304 -33.08 -5.33 -5.90
N ILE A 305 -34.09 -4.64 -6.42
CA ILE A 305 -34.74 -3.59 -5.64
C ILE A 305 -35.56 -4.21 -4.51
N GLY A 306 -36.17 -5.37 -4.76
CA GLY A 306 -36.79 -6.10 -3.67
C GLY A 306 -35.79 -6.53 -2.61
N GLN A 307 -34.59 -6.93 -3.05
CA GLN A 307 -33.53 -7.24 -2.10
C GLN A 307 -33.17 -6.01 -1.26
N CYS A 308 -33.10 -4.84 -1.91
CA CYS A 308 -32.82 -3.59 -1.19
C CYS A 308 -33.87 -3.33 -0.14
N PHE A 309 -35.14 -3.48 -0.49
CA PHE A 309 -36.19 -3.23 0.48
C PHE A 309 -36.23 -4.29 1.57
N ASP A 310 -35.73 -5.50 1.29
CA ASP A 310 -35.58 -6.49 2.35
C ASP A 310 -34.51 -6.06 3.34
N LEU A 311 -33.33 -5.67 2.85
CA LEU A 311 -32.24 -5.28 3.73
C LEU A 311 -32.57 -3.99 4.49
N TYR A 312 -33.10 -2.99 3.79
CA TYR A 312 -33.32 -1.68 4.38
C TYR A 312 -34.80 -1.36 4.36
N GLY A 313 -35.16 -0.08 4.34
CA GLY A 313 -36.57 0.25 4.24
C GLY A 313 -37.27 0.26 5.59
N ASP A 314 -36.96 -0.73 6.43
CA ASP A 314 -37.35 -0.66 7.83
C ASP A 314 -36.71 0.55 8.51
N ASP A 315 -35.41 0.76 8.29
CA ASP A 315 -34.66 1.80 8.99
C ASP A 315 -34.05 2.85 8.08
N PHE A 316 -34.23 2.75 6.76
CA PHE A 316 -33.56 3.63 5.82
C PHE A 316 -34.57 4.32 4.91
N HIS A 317 -34.33 5.57 4.57
CA HIS A 317 -35.03 6.20 3.47
C HIS A 317 -34.46 5.65 2.16
N VAL A 318 -35.29 4.96 1.37
CA VAL A 318 -34.84 4.32 0.14
C VAL A 318 -35.36 5.16 -1.03
N VAL A 319 -34.44 5.83 -1.72
CA VAL A 319 -34.76 6.76 -2.80
C VAL A 319 -34.47 6.08 -4.13
N LEU A 320 -35.48 5.96 -4.98
CA LEU A 320 -35.32 5.37 -6.30
C LEU A 320 -35.18 6.48 -7.32
N MET A 321 -34.10 6.45 -8.09
CA MET A 321 -33.83 7.48 -9.07
C MET A 321 -33.80 6.86 -10.46
N PRO A 322 -34.45 7.50 -11.44
CA PRO A 322 -34.57 6.87 -12.75
C PRO A 322 -33.29 6.96 -13.57
N LEU A 323 -33.06 5.91 -14.37
CA LEU A 323 -32.01 5.94 -15.37
C LEU A 323 -32.41 6.87 -16.50
N LEU A 324 -31.51 7.79 -16.85
CA LEU A 324 -31.74 8.76 -17.91
C LEU A 324 -30.86 8.45 -19.11
N ASP A 325 -31.27 8.97 -20.27
CA ASP A 325 -30.51 8.72 -21.49
C ASP A 325 -29.22 9.53 -21.51
N TYR A 326 -29.24 10.73 -20.95
CA TYR A 326 -28.08 11.61 -20.94
C TYR A 326 -27.35 11.49 -19.62
N GLU A 327 -26.05 11.77 -19.65
CA GLU A 327 -25.27 11.89 -18.42
C GLU A 327 -25.67 13.15 -17.67
N VAL A 328 -25.76 13.03 -16.34
CA VAL A 328 -26.20 14.14 -15.51
C VAL A 328 -25.04 15.08 -15.25
N ARG A 329 -24.60 15.78 -16.30
CA ARG A 329 -23.56 16.80 -16.21
C ARG A 329 -24.16 18.17 -16.46
N GLY A 330 -23.54 19.19 -15.87
CA GLY A 330 -24.12 20.52 -16.05
C GLY A 330 -25.07 20.89 -14.94
N VAL A 331 -25.17 22.20 -14.69
CA VAL A 331 -25.89 22.68 -13.53
C VAL A 331 -27.37 22.34 -13.61
N GLU A 332 -28.00 22.51 -14.77
CA GLU A 332 -29.44 22.27 -14.88
C GLU A 332 -29.79 20.79 -14.68
N LYS A 333 -29.03 19.89 -15.30
CA LYS A 333 -29.19 18.47 -15.05
C LYS A 333 -29.14 18.18 -13.56
N LEU A 334 -28.15 18.76 -12.87
CA LEU A 334 -28.00 18.57 -11.44
C LEU A 334 -29.21 19.12 -10.68
N LYS A 335 -29.77 20.24 -11.13
CA LYS A 335 -30.94 20.82 -10.46
C LYS A 335 -32.16 19.91 -10.58
N THR A 336 -32.41 19.40 -11.79
CA THR A 336 -33.56 18.52 -11.99
C THR A 336 -33.38 17.21 -11.21
N PHE A 337 -32.18 16.63 -11.28
CA PHE A 337 -31.90 15.42 -10.54
C PHE A 337 -32.05 15.65 -9.04
N SER A 338 -31.63 16.83 -8.56
CA SER A 338 -31.72 17.14 -7.15
C SER A 338 -33.17 17.27 -6.70
N GLU A 339 -34.01 17.86 -7.55
CA GLU A 339 -35.43 17.93 -7.22
C GLU A 339 -36.02 16.53 -7.11
N LEU A 340 -35.65 15.63 -8.02
CA LEU A 340 -36.09 14.25 -7.88
C LEU A 340 -35.53 13.61 -6.61
N LEU A 341 -34.32 14.00 -6.20
CA LEU A 341 -33.67 13.37 -5.05
C LEU A 341 -34.34 13.76 -3.74
N VAL A 342 -34.72 15.02 -3.58
CA VAL A 342 -35.23 15.49 -2.29
C VAL A 342 -36.75 15.57 -2.20
N ASP A 343 -37.45 15.61 -3.34
CA ASP A 343 -38.92 15.55 -3.33
C ASP A 343 -39.37 14.82 -4.59
N PRO A 344 -39.72 13.53 -4.46
CA PRO A 344 -40.16 12.69 -5.59
C PRO A 344 -41.60 12.96 -6.01
N LEU B 4 43.24 -11.19 17.85
CA LEU B 4 41.95 -11.82 18.03
C LEU B 4 41.79 -13.01 17.08
N ASP B 5 40.95 -13.98 17.46
CA ASP B 5 40.47 -14.98 16.53
C ASP B 5 38.96 -14.82 16.36
N LEU B 6 38.53 -14.79 15.10
CA LEU B 6 37.18 -14.43 14.72
C LEU B 6 36.91 -15.05 13.35
N PRO B 7 35.65 -15.14 12.93
CA PRO B 7 35.38 -15.64 11.58
C PRO B 7 36.16 -14.83 10.56
N ASP B 8 36.49 -15.48 9.45
CA ASP B 8 37.28 -14.82 8.42
C ASP B 8 36.51 -13.62 7.87
N PRO B 9 37.14 -12.46 7.71
CA PRO B 9 36.43 -11.27 7.21
C PRO B 9 36.23 -11.31 5.70
N SER B 10 35.52 -12.35 5.23
CA SER B 10 35.24 -12.52 3.83
C SER B 10 33.93 -13.28 3.67
N LEU B 11 33.44 -13.34 2.43
CA LEU B 11 32.28 -14.14 2.08
C LEU B 11 32.65 -15.50 1.51
N LYS B 12 33.88 -15.97 1.78
CA LYS B 12 34.30 -17.26 1.26
C LYS B 12 33.50 -18.40 1.88
N ASN B 13 33.03 -18.21 3.12
CA ASN B 13 32.20 -19.23 3.76
C ASN B 13 30.92 -19.51 2.96
N ILE B 14 30.44 -18.51 2.22
CA ILE B 14 29.28 -18.74 1.36
C ILE B 14 29.64 -19.70 0.24
N ILE B 15 30.81 -19.52 -0.37
CA ILE B 15 31.21 -20.39 -1.47
C ILE B 15 31.54 -21.79 -0.95
N ASP B 16 32.07 -21.88 0.27
CA ASP B 16 32.46 -23.17 0.84
C ASP B 16 31.23 -24.04 1.13
N GLN B 17 30.15 -23.44 1.64
CA GLN B 17 28.92 -24.18 1.90
C GLN B 17 28.23 -24.51 0.59
N THR B 18 28.57 -25.66 0.00
CA THR B 18 28.12 -26.03 -1.33
C THR B 18 26.66 -26.47 -1.39
N THR B 19 26.01 -26.66 -0.24
CA THR B 19 24.61 -27.06 -0.23
C THR B 19 23.64 -25.89 -0.36
N LEU B 20 24.12 -24.66 -0.26
CA LEU B 20 23.24 -23.49 -0.25
C LEU B 20 22.46 -23.38 -1.55
N GLN B 21 21.16 -23.20 -1.43
CA GLN B 21 20.27 -23.02 -2.57
C GLN B 21 19.76 -21.59 -2.72
N TRP B 22 19.60 -20.86 -1.61
CA TRP B 22 19.10 -19.50 -1.64
C TRP B 22 20.06 -18.61 -0.85
N VAL B 23 20.58 -17.58 -1.49
CA VAL B 23 21.39 -16.57 -0.83
C VAL B 23 20.69 -15.23 -1.04
N PHE B 24 20.19 -14.64 0.05
CA PHE B 24 19.53 -13.35 -0.01
C PHE B 24 20.51 -12.26 0.41
N VAL B 25 20.49 -11.14 -0.29
CA VAL B 25 21.37 -10.02 -0.02
C VAL B 25 20.51 -8.83 0.35
N GLY B 26 20.69 -8.32 1.57
CA GLY B 26 19.82 -7.29 2.08
C GLY B 26 20.59 -6.07 2.58
N GLY B 27 19.83 -5.03 2.88
CA GLY B 27 20.38 -3.78 3.37
C GLY B 27 19.56 -2.61 2.85
N LYS B 28 19.86 -1.44 3.39
CA LYS B 28 19.14 -0.25 2.98
C LYS B 28 19.63 0.22 1.60
N GLY B 29 18.94 1.21 1.06
CA GLY B 29 19.26 1.69 -0.28
C GLY B 29 20.64 2.33 -0.36
N GLY B 30 21.36 1.99 -1.42
CA GLY B 30 22.64 2.58 -1.75
C GLY B 30 23.85 2.01 -1.05
N VAL B 31 23.70 0.96 -0.24
CA VAL B 31 24.84 0.44 0.48
C VAL B 31 25.66 -0.56 -0.33
N GLY B 32 25.10 -1.12 -1.40
CA GLY B 32 25.85 -2.03 -2.23
C GLY B 32 25.24 -3.42 -2.34
N LYS B 33 23.92 -3.50 -2.16
CA LYS B 33 23.24 -4.79 -2.28
C LYS B 33 23.45 -5.39 -3.65
N THR B 34 23.20 -4.60 -4.71
CA THR B 34 23.30 -5.12 -6.07
C THR B 34 24.73 -5.51 -6.40
N THR B 35 25.70 -4.66 -6.04
CA THR B 35 27.10 -4.98 -6.32
C THR B 35 27.50 -6.26 -5.61
N THR B 36 27.15 -6.39 -4.33
CA THR B 36 27.47 -7.59 -3.58
C THR B 36 26.82 -8.82 -4.19
N SER B 37 25.58 -8.67 -4.66
CA SER B 37 24.86 -9.78 -5.25
C SER B 37 25.52 -10.25 -6.54
N CYS B 38 25.87 -9.30 -7.41
CA CYS B 38 26.55 -9.63 -8.66
C CYS B 38 27.88 -10.30 -8.39
N CYS B 39 28.63 -9.82 -7.39
CA CYS B 39 29.93 -10.42 -7.09
C CYS B 39 29.77 -11.83 -6.53
N LEU B 40 28.77 -12.04 -5.66
CA LEU B 40 28.50 -13.38 -5.15
C LEU B 40 28.11 -14.33 -6.28
N GLY B 41 27.32 -13.85 -7.24
CA GLY B 41 26.98 -14.69 -8.38
C GLY B 41 28.20 -15.04 -9.22
N VAL B 42 29.07 -14.05 -9.46
CA VAL B 42 30.28 -14.29 -10.23
C VAL B 42 31.16 -15.34 -9.55
N GLN B 43 31.29 -15.25 -8.22
CA GLN B 43 32.14 -16.20 -7.50
C GLN B 43 31.50 -17.58 -7.45
N LEU B 44 30.20 -17.66 -7.20
CA LEU B 44 29.51 -18.95 -7.16
C LEU B 44 29.51 -19.63 -8.52
N ALA B 45 29.57 -18.86 -9.62
CA ALA B 45 29.58 -19.46 -10.94
C ALA B 45 30.82 -20.33 -11.19
N LYS B 46 31.86 -20.21 -10.36
CA LYS B 46 33.05 -21.04 -10.57
C LYS B 46 32.76 -22.50 -10.24
N SER B 47 32.36 -22.76 -9.00
CA SER B 47 32.20 -24.14 -8.54
C SER B 47 30.82 -24.72 -8.87
N ARG B 48 29.78 -23.90 -8.92
CA ARG B 48 28.43 -24.44 -9.06
C ARG B 48 28.07 -24.59 -10.53
N THR B 49 27.21 -25.56 -10.81
CA THR B 49 26.86 -25.87 -12.19
C THR B 49 26.10 -24.71 -12.86
N LYS B 50 25.10 -24.18 -12.17
CA LYS B 50 24.27 -23.10 -12.72
C LYS B 50 23.92 -22.14 -11.60
N VAL B 51 24.09 -20.84 -11.84
CA VAL B 51 23.85 -19.82 -10.83
C VAL B 51 22.88 -18.80 -11.41
N LEU B 52 21.87 -18.42 -10.64
CA LEU B 52 20.89 -17.43 -11.07
C LEU B 52 20.89 -16.25 -10.11
N LEU B 53 20.86 -15.04 -10.67
CA LEU B 53 20.70 -13.80 -9.92
C LEU B 53 19.30 -13.27 -10.18
N VAL B 54 18.55 -13.03 -9.11
CA VAL B 54 17.20 -12.50 -9.19
C VAL B 54 17.18 -11.16 -8.49
N SER B 55 16.67 -10.14 -9.17
CA SER B 55 16.56 -8.80 -8.60
C SER B 55 15.08 -8.44 -8.43
N THR B 56 14.64 -8.25 -7.19
CA THR B 56 13.32 -7.73 -6.88
C THR B 56 13.36 -6.28 -6.42
N ASP B 57 14.52 -5.63 -6.55
CA ASP B 57 14.61 -4.21 -6.28
C ASP B 57 13.89 -3.47 -7.40
N PRO B 58 12.95 -2.55 -7.09
CA PRO B 58 12.11 -1.94 -8.14
C PRO B 58 12.81 -1.48 -9.40
N ALA B 59 13.92 -0.75 -9.29
CA ALA B 59 14.61 -0.26 -10.48
C ALA B 59 15.23 -1.43 -11.25
N HIS B 60 15.92 -1.11 -12.34
CA HIS B 60 16.61 -2.11 -13.15
C HIS B 60 18.11 -2.04 -12.95
N ASN B 61 18.55 -2.01 -11.68
CA ASN B 61 19.97 -1.79 -11.40
C ASN B 61 20.85 -2.95 -11.88
N LEU B 62 20.28 -4.13 -12.11
CA LEU B 62 21.09 -5.27 -12.52
C LEU B 62 21.72 -5.04 -13.89
N SER B 63 20.94 -4.47 -14.82
CA SER B 63 21.46 -4.20 -16.16
C SER B 63 22.60 -3.20 -16.10
N ASP B 64 22.42 -2.12 -15.35
CA ASP B 64 23.49 -1.13 -15.18
C ASP B 64 24.71 -1.75 -14.52
N ALA B 65 24.50 -2.68 -13.59
CA ALA B 65 25.63 -3.33 -12.93
C ALA B 65 26.46 -4.15 -13.91
N PHE B 66 25.80 -5.06 -14.63
CA PHE B 66 26.53 -5.92 -15.56
C PHE B 66 26.84 -5.25 -16.90
N CYS B 67 26.39 -4.01 -17.10
CA CYS B 67 26.50 -3.33 -18.40
C CYS B 67 26.00 -4.24 -19.52
N GLN B 68 24.71 -4.59 -19.43
CA GLN B 68 24.08 -5.55 -20.33
C GLN B 68 22.59 -5.61 -20.02
N LYS B 69 21.75 -5.63 -21.05
CA LYS B 69 20.32 -5.69 -20.84
C LYS B 69 19.93 -7.02 -20.22
N ILE B 70 19.17 -6.97 -19.13
CA ILE B 70 18.71 -8.16 -18.42
C ILE B 70 17.19 -8.25 -18.56
N GLY B 71 16.70 -9.43 -18.93
CA GLY B 71 15.29 -9.64 -19.20
C GLY B 71 14.55 -10.15 -17.97
N ARG B 72 13.23 -10.22 -18.11
CA ARG B 72 12.39 -10.71 -17.03
C ARG B 72 12.60 -12.21 -16.78
N GLU B 73 13.19 -12.92 -17.74
CA GLU B 73 13.54 -14.32 -17.60
C GLU B 73 15.06 -14.49 -17.66
N PRO B 74 15.59 -15.65 -17.22
CA PRO B 74 17.05 -15.82 -17.08
C PRO B 74 17.85 -15.40 -18.30
N THR B 75 18.56 -14.28 -18.17
CA THR B 75 19.44 -13.79 -19.22
C THR B 75 20.87 -14.20 -18.91
N PRO B 76 21.51 -15.02 -19.75
CA PRO B 76 22.93 -15.34 -19.53
C PRO B 76 23.80 -14.09 -19.54
N ILE B 77 24.88 -14.12 -18.77
CA ILE B 77 25.77 -12.97 -18.61
C ILE B 77 26.94 -13.15 -19.58
N HIS B 78 27.23 -12.10 -20.33
CA HIS B 78 28.32 -12.13 -21.31
C HIS B 78 29.64 -12.37 -20.61
N GLY B 79 30.35 -13.43 -21.02
CA GLY B 79 31.58 -13.84 -20.39
C GLY B 79 31.45 -15.03 -19.47
N PHE B 80 30.24 -15.54 -19.29
CA PHE B 80 29.99 -16.70 -18.44
C PHE B 80 29.10 -17.68 -19.19
N ASP B 81 29.34 -18.97 -18.95
CA ASP B 81 28.52 -20.01 -19.54
C ASP B 81 27.42 -20.50 -18.61
N ASN B 82 27.54 -20.22 -17.30
CA ASN B 82 26.66 -20.80 -16.29
C ASN B 82 26.14 -19.75 -15.32
N LEU B 83 26.09 -18.48 -15.73
CA LEU B 83 25.63 -17.40 -14.87
C LEU B 83 24.50 -16.67 -15.57
N CYS B 84 23.30 -16.72 -15.01
CA CYS B 84 22.15 -16.02 -15.58
C CYS B 84 21.62 -14.99 -14.61
N ALA B 85 21.00 -13.94 -15.16
CA ALA B 85 20.41 -12.89 -14.36
C ALA B 85 18.96 -12.69 -14.79
N MET B 86 18.18 -12.09 -13.90
CA MET B 86 16.74 -11.99 -14.11
C MET B 86 16.22 -10.84 -13.26
N GLU B 87 15.58 -9.87 -13.90
CA GLU B 87 15.06 -8.70 -13.22
C GLU B 87 13.53 -8.72 -13.25
N ILE B 88 12.91 -8.36 -12.11
CA ILE B 88 11.47 -8.45 -11.95
C ILE B 88 10.95 -7.16 -11.32
N ASP B 89 9.83 -6.66 -11.83
CA ASP B 89 9.16 -5.51 -11.25
C ASP B 89 8.07 -5.95 -10.27
N ASN B 104 -21.53 -8.03 -12.62
CA ASN B 104 -20.60 -8.85 -13.37
C ASN B 104 -19.80 -9.79 -12.45
N ASP B 105 -18.48 -9.82 -12.63
CA ASP B 105 -17.62 -10.83 -12.02
C ASP B 105 -17.58 -10.68 -10.50
N VAL B 106 -18.18 -11.66 -9.81
CA VAL B 106 -18.24 -11.65 -8.36
C VAL B 106 -16.87 -11.95 -7.77
N PHE B 107 -16.15 -12.93 -8.34
CA PHE B 107 -14.84 -13.27 -7.80
C PHE B 107 -13.90 -12.08 -7.92
N GLY B 108 -13.91 -11.39 -9.06
CA GLY B 108 -13.06 -10.23 -9.23
C GLY B 108 -13.32 -9.15 -8.19
N GLN B 109 -14.60 -8.91 -7.89
CA GLN B 109 -14.95 -7.92 -6.88
C GLN B 109 -14.49 -8.36 -5.50
N MET B 110 -14.69 -9.64 -5.14
CA MET B 110 -14.27 -10.10 -3.82
C MET B 110 -12.76 -10.05 -3.69
N PHE B 111 -12.05 -10.37 -4.77
CA PHE B 111 -10.60 -10.28 -4.75
C PHE B 111 -10.12 -8.83 -4.62
N ASN B 112 -10.78 -7.91 -5.33
CA ASN B 112 -10.47 -6.49 -5.16
C ASN B 112 -10.72 -6.01 -3.74
N ASP B 113 -11.85 -6.41 -3.16
CA ASP B 113 -12.16 -6.05 -1.77
C ASP B 113 -11.09 -6.57 -0.83
N LEU B 114 -10.63 -7.81 -1.06
CA LEU B 114 -9.59 -8.35 -0.19
C LEU B 114 -8.28 -7.58 -0.35
N GLN B 115 -7.93 -7.23 -1.59
CA GLN B 115 -6.72 -6.45 -1.80
C GLN B 115 -6.78 -5.12 -1.07
N ASN B 116 -7.95 -4.47 -1.09
CA ASN B 116 -8.11 -3.19 -0.39
C ASN B 116 -8.11 -3.38 1.13
N SER B 117 -8.65 -4.50 1.61
CA SER B 117 -8.77 -4.75 3.05
C SER B 117 -7.43 -5.16 3.66
N ILE B 118 -6.68 -6.01 2.98
CA ILE B 118 -5.45 -6.58 3.52
C ILE B 118 -4.28 -6.10 2.68
N PRO B 119 -3.70 -4.94 2.97
CA PRO B 119 -2.52 -4.49 2.23
C PRO B 119 -1.38 -5.49 2.38
N GLY B 120 -0.80 -5.87 1.25
CA GLY B 120 0.29 -6.82 1.25
C GLY B 120 -0.07 -8.18 0.71
N ILE B 121 -1.36 -8.49 0.50
CA ILE B 121 -1.71 -9.79 -0.04
C ILE B 121 -1.24 -9.90 -1.49
N ASP B 122 -1.29 -8.79 -2.24
CA ASP B 122 -0.81 -8.82 -3.62
C ASP B 122 0.70 -9.08 -3.67
N GLU B 123 1.46 -8.49 -2.75
CA GLU B 123 2.89 -8.76 -2.67
C GLU B 123 3.14 -10.23 -2.36
N ALA B 124 2.34 -10.82 -1.46
CA ALA B 124 2.47 -12.24 -1.14
C ALA B 124 2.19 -13.11 -2.35
N MET B 125 1.17 -12.78 -3.15
CA MET B 125 0.85 -13.59 -4.32
C MET B 125 1.91 -13.44 -5.40
N SER B 126 2.44 -12.23 -5.59
CA SER B 126 3.54 -12.04 -6.53
C SER B 126 4.77 -12.85 -6.10
N PHE B 127 5.08 -12.84 -4.80
CA PHE B 127 6.24 -13.60 -4.33
C PHE B 127 6.02 -15.09 -4.48
N SER B 128 4.79 -15.56 -4.26
CA SER B 128 4.46 -16.95 -4.48
C SER B 128 4.69 -17.35 -5.93
N GLU B 129 4.20 -16.52 -6.85
CA GLU B 129 4.37 -16.81 -8.27
C GLU B 129 5.85 -16.81 -8.65
N LEU B 130 6.61 -15.85 -8.11
CA LEU B 130 8.04 -15.80 -8.36
C LEU B 130 8.73 -17.07 -7.86
N MET B 131 8.37 -17.53 -6.67
CA MET B 131 9.00 -18.74 -6.13
C MET B 131 8.65 -19.96 -6.97
N LYS B 132 7.43 -20.03 -7.48
CA LYS B 132 7.08 -21.14 -8.35
C LYS B 132 7.92 -21.10 -9.63
N GLN B 133 8.04 -19.92 -10.23
CA GLN B 133 8.80 -19.82 -11.47
C GLN B 133 10.28 -20.14 -11.26
N VAL B 134 10.86 -19.65 -10.16
CA VAL B 134 12.27 -19.90 -9.88
C VAL B 134 12.51 -21.37 -9.57
N GLN B 135 11.66 -21.97 -8.72
CA GLN B 135 11.83 -23.37 -8.39
C GLN B 135 11.60 -24.28 -9.57
N GLN B 136 10.89 -23.82 -10.61
CA GLN B 136 10.75 -24.64 -11.81
C GLN B 136 11.83 -24.35 -12.85
N LEU B 137 12.55 -23.23 -12.71
CA LEU B 137 13.68 -22.93 -13.60
C LEU B 137 14.87 -23.87 -13.42
N ASP B 138 14.94 -24.59 -12.30
CA ASP B 138 16.01 -25.55 -12.03
C ASP B 138 17.41 -24.94 -12.08
N PHE B 139 17.81 -24.28 -11.00
CA PHE B 139 19.16 -23.77 -10.82
C PHE B 139 19.74 -24.35 -9.53
N ASP B 140 21.07 -24.36 -9.44
CA ASP B 140 21.72 -24.92 -8.26
C ASP B 140 21.70 -23.94 -7.10
N VAL B 141 21.86 -22.65 -7.38
CA VAL B 141 21.84 -21.63 -6.34
C VAL B 141 21.32 -20.33 -6.94
N VAL B 142 20.53 -19.62 -6.14
CA VAL B 142 19.92 -18.35 -6.50
C VAL B 142 20.39 -17.29 -5.52
N VAL B 143 20.83 -16.17 -6.05
CA VAL B 143 21.22 -15.01 -5.26
C VAL B 143 20.14 -13.96 -5.46
N PHE B 144 19.51 -13.53 -4.36
CA PHE B 144 18.43 -12.56 -4.38
C PHE B 144 18.96 -11.18 -3.99
N ASP B 145 18.95 -10.26 -4.94
CA ASP B 145 19.18 -8.84 -4.69
C ASP B 145 17.83 -8.25 -4.25
N THR B 146 17.61 -8.22 -2.94
CA THR B 146 16.31 -7.82 -2.41
C THR B 146 16.13 -6.31 -2.48
N ALA B 147 14.88 -5.89 -2.25
CA ALA B 147 14.55 -4.48 -2.15
C ALA B 147 15.08 -3.92 -0.84
N PRO B 148 15.12 -2.59 -0.68
CA PRO B 148 15.58 -2.01 0.59
C PRO B 148 14.85 -2.59 1.79
N THR B 149 15.53 -2.55 2.94
CA THR B 149 15.15 -3.26 4.16
C THR B 149 13.67 -3.20 4.50
N GLY B 150 13.07 -2.01 4.38
CA GLY B 150 11.66 -1.85 4.75
C GLY B 150 10.73 -2.81 4.02
N HIS B 151 10.97 -3.01 2.72
CA HIS B 151 10.13 -3.88 1.92
C HIS B 151 10.39 -5.37 2.22
N THR B 152 11.66 -5.72 2.45
CA THR B 152 12.01 -7.09 2.77
C THR B 152 11.42 -7.53 4.11
N LEU B 153 11.30 -6.60 5.07
CA LEU B 153 10.67 -6.95 6.34
C LEU B 153 9.21 -7.38 6.15
N ARG B 154 8.47 -6.69 5.27
CA ARG B 154 7.11 -7.13 4.96
C ARG B 154 7.11 -8.48 4.25
N LEU B 155 8.07 -8.67 3.33
CA LEU B 155 8.24 -10.00 2.75
C LEU B 155 8.31 -11.06 3.83
N LEU B 156 9.07 -10.78 4.89
CA LEU B 156 9.15 -11.72 6.01
C LEU B 156 7.81 -11.89 6.71
N SER B 157 6.99 -10.83 6.74
CA SER B 157 5.70 -10.91 7.43
C SER B 157 4.60 -11.61 6.62
N PHE B 158 4.87 -11.99 5.37
CA PHE B 158 3.85 -12.64 4.51
C PHE B 158 2.94 -13.67 5.19
N PRO B 159 3.44 -14.58 6.05
CA PRO B 159 2.51 -15.54 6.68
C PRO B 159 1.42 -14.88 7.51
N THR B 160 1.78 -13.82 8.25
CA THR B 160 0.78 -13.05 8.99
C THR B 160 -0.22 -12.39 8.05
N ILE B 161 0.26 -11.85 6.91
CA ILE B 161 -0.63 -11.23 5.94
C ILE B 161 -1.64 -12.24 5.42
N LEU B 162 -1.18 -13.46 5.12
CA LEU B 162 -2.07 -14.50 4.63
C LEU B 162 -3.08 -14.91 5.70
N GLU B 163 -2.64 -15.03 6.95
CA GLU B 163 -3.56 -15.40 8.02
C GLU B 163 -4.66 -14.35 8.19
N LYS B 164 -4.29 -13.06 8.10
CA LYS B 164 -5.30 -12.00 8.16
C LYS B 164 -6.22 -12.02 6.96
N ALA B 165 -5.72 -12.37 5.78
CA ALA B 165 -6.59 -12.47 4.59
C ALA B 165 -7.60 -13.60 4.74
N PHE B 166 -7.16 -14.75 5.25
CA PHE B 166 -8.09 -15.84 5.56
C PHE B 166 -9.14 -15.38 6.57
N ALA B 167 -8.69 -14.70 7.64
CA ALA B 167 -9.65 -14.24 8.65
C ALA B 167 -10.66 -13.27 8.06
N LYS B 168 -10.21 -12.41 7.14
CA LYS B 168 -11.12 -11.48 6.48
C LYS B 168 -12.15 -12.23 5.64
N VAL B 169 -11.71 -13.22 4.87
CA VAL B 169 -12.65 -13.97 4.05
C VAL B 169 -13.65 -14.73 4.92
N TRP B 170 -13.18 -15.26 6.06
CA TRP B 170 -14.07 -15.98 6.97
C TRP B 170 -15.10 -15.04 7.59
N GLU B 171 -14.63 -13.87 8.05
CA GLU B 171 -15.53 -12.86 8.61
C GLU B 171 -16.55 -12.42 7.57
N LEU B 172 -16.11 -12.29 6.32
CA LEU B 172 -17.00 -11.88 5.24
C LEU B 172 -18.09 -12.92 5.00
N LYS B 173 -17.71 -14.20 4.97
CA LYS B 173 -18.74 -15.25 4.84
C LYS B 173 -19.71 -15.20 6.00
N ASP B 174 -19.18 -15.12 7.23
CA ASP B 174 -20.02 -15.07 8.42
C ASP B 174 -21.03 -13.92 8.35
N ARG B 175 -20.56 -12.73 7.98
CA ARG B 175 -21.37 -11.52 8.04
C ARG B 175 -22.33 -11.36 6.87
N PHE B 176 -22.00 -11.89 5.69
CA PHE B 176 -22.83 -11.68 4.51
C PHE B 176 -23.32 -12.98 3.88
N GLY B 177 -23.33 -14.09 4.63
CA GLY B 177 -23.85 -15.34 4.09
C GLY B 177 -25.28 -15.24 3.62
N GLY B 178 -26.11 -14.49 4.35
CA GLY B 178 -27.49 -14.31 3.95
C GLY B 178 -27.63 -13.70 2.56
N LEU B 179 -27.00 -12.54 2.35
CA LEU B 179 -27.05 -11.88 1.06
C LEU B 179 -26.43 -12.76 -0.03
N ILE B 180 -25.32 -13.44 0.29
CA ILE B 180 -24.63 -14.24 -0.72
C ILE B 180 -25.51 -15.41 -1.17
N GLY B 181 -26.12 -16.11 -0.22
CA GLY B 181 -27.02 -17.20 -0.57
C GLY B 181 -28.27 -16.74 -1.29
N GLN B 182 -28.82 -15.60 -0.88
CA GLN B 182 -30.00 -15.07 -1.55
C GLN B 182 -29.69 -14.68 -3.00
N ALA B 183 -28.48 -14.21 -3.26
CA ALA B 183 -28.07 -13.85 -4.61
C ALA B 183 -27.68 -15.05 -5.46
N THR B 184 -27.21 -16.14 -4.84
CA THR B 184 -26.81 -17.32 -5.60
C THR B 184 -27.95 -17.85 -6.48
N ALA B 185 -29.18 -17.78 -5.98
CA ALA B 185 -30.32 -18.27 -6.76
C ALA B 185 -30.52 -17.47 -8.05
N LEU B 186 -30.20 -16.18 -8.05
CA LEU B 186 -30.49 -15.33 -9.21
C LEU B 186 -29.46 -15.51 -10.33
N MET B 187 -28.23 -15.08 -10.10
CA MET B 187 -27.21 -15.05 -11.14
C MET B 187 -26.74 -16.46 -11.50
N SER B 188 -26.86 -16.81 -12.77
CA SER B 188 -26.47 -18.11 -13.28
C SER B 188 -25.11 -18.04 -13.95
N GLY B 189 -24.60 -19.21 -14.33
CA GLY B 189 -23.29 -19.30 -14.96
C GLY B 189 -22.16 -19.00 -14.02
N GLY B 190 -21.19 -18.23 -14.52
CA GLY B 190 -19.96 -17.93 -13.79
C GLY B 190 -19.97 -16.78 -12.81
N ASN B 191 -20.99 -16.70 -11.94
CA ASN B 191 -21.04 -15.61 -10.96
C ASN B 191 -21.75 -16.01 -9.68
N ASN B 192 -21.74 -17.29 -9.35
CA ASN B 192 -22.24 -17.75 -8.07
C ASN B 192 -21.38 -17.10 -6.97
N PRO B 193 -21.97 -16.30 -6.08
CA PRO B 193 -21.15 -15.67 -5.02
C PRO B 193 -20.50 -16.66 -4.07
N ALA B 194 -21.22 -17.71 -3.66
CA ALA B 194 -20.62 -18.70 -2.77
C ALA B 194 -19.47 -19.43 -3.44
N ALA B 195 -19.63 -19.77 -4.72
CA ALA B 195 -18.52 -20.37 -5.46
C ALA B 195 -17.35 -19.39 -5.58
N ALA B 196 -17.65 -18.10 -5.76
CA ALA B 196 -16.58 -17.11 -5.85
C ALA B 196 -15.82 -17.00 -4.54
N GLN B 197 -16.52 -17.11 -3.41
CA GLN B 197 -15.86 -17.07 -2.11
C GLN B 197 -14.99 -18.31 -1.89
N GLU B 198 -15.50 -19.49 -2.27
CA GLU B 198 -14.68 -20.70 -2.17
C GLU B 198 -13.45 -20.60 -3.08
N GLN B 199 -13.62 -20.02 -4.27
CA GLN B 199 -12.48 -19.87 -5.18
C GLN B 199 -11.45 -18.92 -4.61
N LEU B 200 -11.89 -17.84 -3.98
CA LEU B 200 -10.94 -16.93 -3.35
C LEU B 200 -10.19 -17.63 -2.21
N LEU B 201 -10.90 -18.44 -1.43
CA LEU B 201 -10.23 -19.25 -0.40
C LEU B 201 -9.20 -20.17 -1.01
N GLY B 202 -9.52 -20.79 -2.15
CA GLY B 202 -8.56 -21.69 -2.79
C GLY B 202 -7.34 -20.97 -3.33
N LYS B 203 -7.51 -19.75 -3.83
CA LYS B 203 -6.37 -18.98 -4.29
C LYS B 203 -5.48 -18.59 -3.10
N LEU B 204 -6.09 -18.17 -1.99
CA LEU B 204 -5.33 -17.93 -0.76
C LEU B 204 -4.61 -19.19 -0.31
N GLU B 205 -5.27 -20.34 -0.43
CA GLU B 205 -4.67 -21.61 0.00
C GLU B 205 -3.47 -21.97 -0.86
N GLU B 206 -3.60 -21.81 -2.18
CA GLU B 206 -2.49 -22.02 -3.09
C GLU B 206 -1.30 -21.14 -2.70
N THR B 207 -1.56 -19.84 -2.50
CA THR B 207 -0.51 -18.91 -2.13
C THR B 207 0.16 -19.34 -0.81
N ARG B 208 -0.66 -19.69 0.19
CA ARG B 208 -0.11 -20.08 1.49
C ARG B 208 0.68 -21.37 1.41
N ALA B 209 0.23 -22.35 0.63
CA ALA B 209 0.97 -23.60 0.54
C ALA B 209 2.33 -23.38 -0.11
N VAL B 210 2.36 -22.62 -1.21
CA VAL B 210 3.63 -22.27 -1.84
C VAL B 210 4.55 -21.58 -0.84
N ILE B 211 4.02 -20.60 -0.11
CA ILE B 211 4.88 -19.83 0.78
C ILE B 211 5.32 -20.66 1.99
N ASN B 212 4.49 -21.63 2.42
CA ASN B 212 4.90 -22.51 3.51
C ASN B 212 6.05 -23.41 3.10
N LYS B 213 5.95 -24.05 1.92
CA LYS B 213 7.06 -24.85 1.42
C LYS B 213 8.32 -24.02 1.28
N VAL B 214 8.18 -22.83 0.71
CA VAL B 214 9.30 -21.93 0.51
C VAL B 214 9.94 -21.54 1.84
N ASN B 215 9.11 -21.30 2.86
CA ASN B 215 9.62 -20.89 4.17
C ASN B 215 10.29 -22.05 4.88
N GLN B 216 9.81 -23.27 4.67
CA GLN B 216 10.50 -24.43 5.21
C GLN B 216 11.89 -24.53 4.61
N ALA B 217 12.03 -24.23 3.32
CA ALA B 217 13.39 -24.21 2.76
C ALA B 217 14.20 -23.03 3.29
N PHE B 218 13.53 -21.91 3.60
CA PHE B 218 14.23 -20.70 4.01
C PHE B 218 14.77 -20.80 5.44
N GLN B 219 14.15 -21.61 6.29
CA GLN B 219 14.57 -21.76 7.68
C GLN B 219 15.64 -22.83 7.85
N ASP B 220 16.18 -23.36 6.76
CA ASP B 220 17.22 -24.38 6.81
C ASP B 220 18.57 -23.75 6.53
N PRO B 221 19.44 -23.59 7.54
CA PRO B 221 20.77 -22.97 7.28
C PRO B 221 21.58 -23.70 6.23
N THR B 222 21.26 -24.96 5.96
CA THR B 222 21.90 -25.70 4.88
C THR B 222 21.59 -25.10 3.51
N LYS B 223 20.38 -24.58 3.33
CA LYS B 223 19.93 -24.15 2.02
C LYS B 223 19.83 -22.64 1.85
N THR B 224 19.59 -21.90 2.92
CA THR B 224 19.28 -20.48 2.84
C THR B 224 20.08 -19.70 3.87
N THR B 225 20.67 -18.58 3.44
CA THR B 225 21.30 -17.65 4.36
C THR B 225 21.16 -16.24 3.80
N PHE B 226 21.29 -15.26 4.69
CA PHE B 226 21.14 -13.85 4.38
C PHE B 226 22.47 -13.13 4.56
N VAL B 227 22.85 -12.34 3.56
CA VAL B 227 24.00 -11.44 3.66
C VAL B 227 23.48 -10.02 3.84
N CYS B 228 23.89 -9.37 4.93
CA CYS B 228 23.43 -8.02 5.23
C CYS B 228 24.53 -7.02 4.88
N VAL B 229 24.22 -6.07 4.00
CA VAL B 229 25.16 -5.05 3.54
C VAL B 229 24.85 -3.73 4.23
N CYS B 230 25.90 -3.00 4.60
CA CYS B 230 25.76 -1.67 5.18
C CYS B 230 26.99 -0.84 4.85
N ILE B 231 26.97 0.41 5.32
CA ILE B 231 28.14 1.31 5.25
C ILE B 231 28.34 1.89 6.63
N PRO B 232 29.56 2.40 6.93
CA PRO B 232 29.82 2.89 8.28
C PRO B 232 29.09 4.19 8.63
N GLU B 233 27.76 4.16 8.63
CA GLU B 233 26.96 5.27 9.10
C GLU B 233 25.78 4.72 9.87
N PHE B 234 25.16 5.61 10.67
CA PHE B 234 24.15 5.17 11.62
C PHE B 234 22.95 4.52 10.93
N LEU B 235 22.36 5.19 9.94
CA LEU B 235 21.12 4.67 9.36
C LEU B 235 21.30 3.29 8.77
N SER B 236 22.43 3.06 8.09
CA SER B 236 22.71 1.77 7.50
C SER B 236 22.81 0.68 8.56
N ILE B 237 23.57 0.95 9.62
CA ILE B 237 23.75 -0.04 10.68
C ILE B 237 22.45 -0.28 11.45
N TYR B 238 21.64 0.78 11.62
CA TYR B 238 20.35 0.66 12.27
C TYR B 238 19.41 -0.24 11.48
N GLU B 239 19.35 -0.03 10.15
CA GLU B 239 18.53 -0.91 9.32
C GLU B 239 19.08 -2.33 9.29
N THR B 240 20.41 -2.46 9.36
CA THR B 240 21.02 -3.79 9.44
C THR B 240 20.59 -4.51 10.71
N GLU B 241 20.55 -3.79 11.84
CA GLU B 241 20.14 -4.41 13.09
C GLU B 241 18.67 -4.80 13.06
N ARG B 242 17.83 -3.93 12.48
CA ARG B 242 16.43 -4.27 12.25
C ARG B 242 16.30 -5.57 11.45
N LEU B 243 17.04 -5.66 10.35
CA LEU B 243 16.94 -6.84 9.49
C LEU B 243 17.44 -8.09 10.21
N VAL B 244 18.56 -7.97 10.93
CA VAL B 244 19.14 -9.12 11.64
C VAL B 244 18.17 -9.65 12.69
N GLN B 245 17.58 -8.74 13.47
CA GLN B 245 16.63 -9.17 14.48
C GLN B 245 15.39 -9.77 13.85
N GLU B 246 14.92 -9.21 12.74
CA GLU B 246 13.73 -9.78 12.11
C GLU B 246 14.02 -11.18 11.56
N LEU B 247 15.19 -11.36 10.92
CA LEU B 247 15.57 -12.68 10.43
C LEU B 247 15.69 -13.68 11.57
N SER B 248 16.23 -13.25 12.71
CA SER B 248 16.32 -14.15 13.86
C SER B 248 14.94 -14.51 14.38
N LYS B 249 14.03 -13.53 14.40
CA LYS B 249 12.66 -13.79 14.82
C LYS B 249 12.02 -14.86 13.95
N TYR B 250 12.26 -14.82 12.63
CA TYR B 250 11.63 -15.75 11.71
C TYR B 250 12.52 -16.96 11.38
N GLY B 251 13.56 -17.20 12.17
CA GLY B 251 14.36 -18.40 12.00
C GLY B 251 15.12 -18.49 10.70
N ILE B 252 15.50 -17.36 10.11
CA ILE B 252 16.26 -17.34 8.86
C ILE B 252 17.70 -17.00 9.21
N ASP B 253 18.64 -17.75 8.64
CA ASP B 253 20.03 -17.66 9.05
C ASP B 253 20.73 -16.48 8.39
N SER B 254 21.47 -15.72 9.19
CA SER B 254 22.43 -14.74 8.69
C SER B 254 23.68 -14.84 9.53
N HIS B 255 24.84 -14.92 8.87
CA HIS B 255 26.12 -14.89 9.57
C HIS B 255 27.16 -14.12 8.75
N ASN B 256 26.73 -13.13 7.98
CA ASN B 256 27.62 -12.33 7.14
C ASN B 256 27.13 -10.89 7.11
N ILE B 257 27.98 -9.98 7.55
CA ILE B 257 27.78 -8.54 7.42
C ILE B 257 28.83 -8.00 6.48
N VAL B 258 28.40 -7.28 5.45
CA VAL B 258 29.33 -6.62 4.53
C VAL B 258 29.24 -5.12 4.78
N VAL B 259 30.31 -4.56 5.34
CA VAL B 259 30.43 -3.12 5.54
C VAL B 259 31.13 -2.53 4.32
N ASN B 260 30.37 -1.84 3.48
CA ASN B 260 30.86 -1.38 2.19
C ASN B 260 31.32 0.08 2.28
N GLN B 261 32.08 0.49 1.27
CA GLN B 261 32.50 1.89 1.11
C GLN B 261 33.29 2.39 2.30
N VAL B 262 34.17 1.55 2.83
CA VAL B 262 35.05 1.95 3.93
C VAL B 262 36.21 2.76 3.36
N LEU B 263 36.44 3.94 3.92
CA LEU B 263 37.49 4.85 3.45
C LEU B 263 38.84 4.27 3.85
N PHE B 264 39.55 3.70 2.87
CA PHE B 264 40.80 2.94 2.97
C PHE B 264 40.84 2.11 4.24
N PRO B 265 40.25 0.90 4.24
CA PRO B 265 40.23 0.09 5.46
C PRO B 265 41.61 -0.34 5.92
N GLU B 266 42.63 -0.23 5.06
CA GLU B 266 43.96 -0.72 5.41
C GLU B 266 44.55 0.06 6.56
N LYS B 267 44.72 1.37 6.38
CA LYS B 267 45.45 2.17 7.34
C LYS B 267 44.58 2.46 8.58
N ASP B 268 45.24 2.74 9.70
CA ASP B 268 44.58 2.99 10.96
C ASP B 268 44.49 4.49 11.25
N ALA B 269 43.37 4.89 11.89
CA ALA B 269 43.17 6.29 12.22
C ALA B 269 44.23 6.82 13.17
N GLU B 270 44.77 5.97 14.05
CA GLU B 270 45.85 6.40 14.93
C GLU B 270 47.06 6.82 14.10
N GLU B 271 47.42 5.99 13.12
CA GLU B 271 48.59 6.21 12.29
C GLU B 271 48.49 7.53 11.53
N LEU B 272 47.36 7.74 10.85
CA LEU B 272 47.21 8.94 10.05
C LEU B 272 46.95 10.17 10.91
N SER B 273 46.36 9.99 12.10
CA SER B 273 46.21 11.10 13.02
C SER B 273 47.56 11.59 13.54
N ALA B 274 48.44 10.65 13.91
CA ALA B 274 49.80 11.02 14.30
C ALA B 274 50.52 11.73 13.16
N TRP B 275 50.41 11.18 11.95
CA TRP B 275 51.08 11.81 10.82
C TRP B 275 50.56 13.24 10.60
N TYR B 276 49.24 13.42 10.68
CA TYR B 276 48.67 14.74 10.43
C TYR B 276 49.07 15.72 11.52
N GLU B 277 48.98 15.34 12.78
CA GLU B 277 49.39 16.24 13.85
C GLU B 277 50.88 16.57 13.75
N ALA B 278 51.69 15.68 13.17
CA ALA B 278 53.10 16.00 13.03
C ALA B 278 53.38 16.89 11.83
N ASN B 279 52.70 16.66 10.69
CA ASN B 279 53.15 17.25 9.42
C ASN B 279 52.07 18.08 8.73
N GLY B 280 51.01 18.48 9.42
CA GLY B 280 49.94 19.21 8.76
C GLY B 280 50.39 20.56 8.26
N ALA B 281 51.06 21.32 9.12
CA ALA B 281 51.47 22.68 8.78
C ALA B 281 52.52 22.73 7.67
N THR B 282 53.06 21.59 7.25
CA THR B 282 53.97 21.55 6.11
C THR B 282 53.24 21.43 4.77
N LEU B 283 51.94 21.25 4.82
CA LEU B 283 51.10 21.11 3.64
C LEU B 283 50.51 22.46 3.26
N PRO B 284 50.29 22.71 1.97
CA PRO B 284 49.47 23.87 1.59
C PRO B 284 48.11 23.80 2.25
N LYS B 285 47.49 24.96 2.40
CA LYS B 285 46.22 25.06 3.13
C LYS B 285 45.18 24.11 2.57
N GLU B 286 45.09 24.00 1.24
CA GLU B 286 44.07 23.16 0.62
C GLU B 286 44.31 21.68 0.90
N ALA B 287 45.54 21.22 0.71
CA ALA B 287 45.88 19.83 1.03
C ALA B 287 45.64 19.54 2.51
N ARG B 288 46.03 20.48 3.37
CA ARG B 288 45.79 20.33 4.81
C ARG B 288 44.31 20.15 5.12
N GLU B 289 43.46 20.98 4.50
CA GLU B 289 42.02 20.88 4.76
C GLU B 289 41.47 19.54 4.28
N ILE B 290 41.90 19.08 3.11
CA ILE B 290 41.40 17.80 2.61
C ILE B 290 41.87 16.67 3.52
N CYS B 291 43.11 16.72 3.99
CA CYS B 291 43.60 15.68 4.89
C CYS B 291 42.82 15.68 6.20
N SER B 292 42.51 16.86 6.72
CA SER B 292 41.74 16.94 7.96
C SER B 292 40.33 16.39 7.79
N LYS B 293 39.67 16.73 6.68
CA LYS B 293 38.33 16.21 6.43
C LYS B 293 38.36 14.69 6.32
N LEU B 294 39.32 14.17 5.56
CA LEU B 294 39.43 12.72 5.38
C LEU B 294 39.69 12.03 6.72
N LEU B 295 40.52 12.63 7.57
CA LEU B 295 40.78 12.04 8.89
C LEU B 295 39.53 12.02 9.75
N ALA B 296 38.75 13.10 9.76
CA ALA B 296 37.52 13.12 10.55
C ALA B 296 36.54 12.05 10.05
N ARG B 297 36.42 11.93 8.73
CA ARG B 297 35.58 10.88 8.14
C ARG B 297 36.05 9.50 8.56
N LYS B 298 37.37 9.30 8.62
CA LYS B 298 37.92 8.01 9.04
C LYS B 298 37.59 7.72 10.49
N ARG B 299 37.71 8.72 11.36
CA ARG B 299 37.38 8.55 12.78
C ARG B 299 35.91 8.15 12.96
N MET B 300 35.01 8.86 12.26
CA MET B 300 33.58 8.54 12.37
C MET B 300 33.29 7.13 11.87
N GLN B 301 33.82 6.78 10.69
CA GLN B 301 33.63 5.44 10.18
C GLN B 301 34.13 4.40 11.15
N ASP B 302 35.26 4.67 11.81
CA ASP B 302 35.80 3.72 12.78
C ASP B 302 34.87 3.55 13.98
N LYS B 303 34.28 4.65 14.44
CA LYS B 303 33.26 4.56 15.48
C LYS B 303 32.17 3.57 15.08
N TYR B 304 31.67 3.71 13.85
CA TYR B 304 30.57 2.85 13.42
C TYR B 304 31.02 1.41 13.15
N ILE B 305 32.27 1.21 12.72
CA ILE B 305 32.76 -0.15 12.51
C ILE B 305 32.98 -0.85 13.85
N GLY B 306 33.43 -0.11 14.86
CA GLY B 306 33.45 -0.66 16.21
C GLY B 306 32.06 -1.03 16.69
N GLN B 307 31.06 -0.21 16.35
CA GLN B 307 29.69 -0.58 16.69
C GLN B 307 29.28 -1.89 16.01
N CYS B 308 29.66 -2.06 14.73
CA CYS B 308 29.38 -3.30 14.03
C CYS B 308 30.01 -4.50 14.74
N PHE B 309 31.28 -4.36 15.15
CA PHE B 309 31.96 -5.46 15.81
C PHE B 309 31.40 -5.72 17.21
N ASP B 310 30.82 -4.70 17.85
CA ASP B 310 30.12 -4.95 19.11
C ASP B 310 28.86 -5.77 18.87
N LEU B 311 28.04 -5.34 17.90
CA LEU B 311 26.81 -6.07 17.62
C LEU B 311 27.10 -7.45 17.04
N TYR B 312 28.03 -7.54 16.11
CA TYR B 312 28.30 -8.79 15.41
C TYR B 312 29.73 -9.23 15.66
N GLY B 313 30.33 -9.99 14.74
CA GLY B 313 31.73 -10.35 14.93
C GLY B 313 31.95 -11.58 15.79
N ASP B 314 31.21 -11.67 16.90
CA ASP B 314 31.13 -12.93 17.64
C ASP B 314 30.51 -14.03 16.79
N ASP B 315 29.41 -13.72 16.08
CA ASP B 315 28.67 -14.72 15.32
C ASP B 315 28.61 -14.43 13.83
N PHE B 316 29.20 -13.35 13.35
CA PHE B 316 29.10 -12.94 11.96
C PHE B 316 30.48 -12.75 11.36
N HIS B 317 30.63 -13.14 10.10
CA HIS B 317 31.77 -12.73 9.31
C HIS B 317 31.57 -11.28 8.88
N VAL B 318 32.46 -10.39 9.30
CA VAL B 318 32.35 -8.97 9.02
C VAL B 318 33.38 -8.62 7.95
N VAL B 319 32.90 -8.31 6.74
CA VAL B 319 33.74 -8.07 5.57
C VAL B 319 33.83 -6.57 5.33
N LEU B 320 35.04 -6.03 5.30
CA LEU B 320 35.27 -4.61 5.07
C LEU B 320 35.66 -4.38 3.61
N MET B 321 34.92 -3.51 2.92
CA MET B 321 35.18 -3.26 1.52
C MET B 321 35.52 -1.78 1.29
N PRO B 322 36.55 -1.51 0.49
CA PRO B 322 37.03 -0.13 0.34
C PRO B 322 36.15 0.72 -0.56
N LEU B 323 36.09 2.00 -0.23
CA LEU B 323 35.45 2.98 -1.10
C LEU B 323 36.32 3.21 -2.34
N LEU B 324 35.71 3.11 -3.51
CA LEU B 324 36.41 3.29 -4.78
C LEU B 324 35.96 4.58 -5.45
N ASP B 325 36.80 5.08 -6.36
CA ASP B 325 36.47 6.30 -7.09
C ASP B 325 35.44 6.05 -8.18
N TYR B 326 35.48 4.88 -8.80
CA TYR B 326 34.60 4.53 -9.91
C TYR B 326 33.41 3.71 -9.42
N GLU B 327 32.32 3.77 -10.18
CA GLU B 327 31.20 2.87 -9.94
C GLU B 327 31.60 1.45 -10.34
N VAL B 328 31.18 0.47 -9.53
CA VAL B 328 31.53 -0.92 -9.78
C VAL B 328 30.57 -1.51 -10.81
N ARG B 329 30.67 -1.05 -12.06
CA ARG B 329 29.89 -1.60 -13.15
C ARG B 329 30.80 -2.30 -14.15
N GLY B 330 30.25 -3.27 -14.85
CA GLY B 330 31.04 -4.03 -15.79
C GLY B 330 31.64 -5.28 -15.19
N VAL B 331 31.84 -6.28 -16.04
CA VAL B 331 32.21 -7.62 -15.58
C VAL B 331 33.57 -7.63 -14.90
N GLU B 332 34.55 -6.93 -15.47
CA GLU B 332 35.91 -6.98 -14.92
C GLU B 332 35.96 -6.34 -13.54
N LYS B 333 35.40 -5.14 -13.41
CA LYS B 333 35.27 -4.50 -12.10
C LYS B 333 34.56 -5.40 -11.09
N LEU B 334 33.44 -6.01 -11.51
CA LEU B 334 32.71 -6.90 -10.61
C LEU B 334 33.58 -8.08 -10.17
N LYS B 335 34.40 -8.61 -11.08
CA LYS B 335 35.27 -9.73 -10.73
C LYS B 335 36.31 -9.31 -9.70
N THR B 336 36.92 -8.13 -9.90
CA THR B 336 37.91 -7.65 -8.93
C THR B 336 37.27 -7.41 -7.56
N PHE B 337 36.09 -6.78 -7.55
CA PHE B 337 35.36 -6.56 -6.31
C PHE B 337 35.02 -7.88 -5.64
N SER B 338 34.64 -8.88 -6.42
CA SER B 338 34.27 -10.18 -5.85
C SER B 338 35.49 -10.85 -5.24
N GLU B 339 36.66 -10.71 -5.87
CA GLU B 339 37.88 -11.26 -5.29
C GLU B 339 38.19 -10.60 -3.97
N LEU B 340 38.01 -9.28 -3.87
CA LEU B 340 38.16 -8.63 -2.57
C LEU B 340 37.12 -9.12 -1.57
N LEU B 341 35.93 -9.49 -2.07
CA LEU B 341 34.84 -9.91 -1.20
C LEU B 341 35.11 -11.29 -0.59
N VAL B 342 35.68 -12.21 -1.37
CA VAL B 342 35.80 -13.59 -0.92
C VAL B 342 37.17 -13.93 -0.32
N ASP B 343 38.22 -13.18 -0.64
CA ASP B 343 39.49 -13.33 0.05
C ASP B 343 40.22 -11.96 0.03
N PRO B 344 40.14 -11.24 1.14
CA PRO B 344 40.79 -9.91 1.24
C PRO B 344 42.29 -10.02 1.46
#